data_9GQY
#
_entry.id   9GQY
#
_cell.length_a   1.00
_cell.length_b   1.00
_cell.length_c   1.00
_cell.angle_alpha   90.00
_cell.angle_beta   90.00
_cell.angle_gamma   90.00
#
_symmetry.space_group_name_H-M   'P 1'
#
loop_
_entity.id
_entity.type
_entity.pdbx_description
1 polymer 'Apoptosis-inducing factor 1, mitochondrial'
2 non-polymer 'FLAVIN-ADENINE DINUCLEOTIDE'
3 non-polymer NICOTINAMIDE-ADENINE-DINUCLEOTIDE
4 water water
#
_entity_poly.entity_id   1
_entity_poly.type   'polypeptide(L)'
_entity_poly.pdbx_seq_one_letter_code
;MASMTGGQQMGRGSEFMGGLTPEQKQKKAALSASEGEEVPQDKAPSHVPFLLIGGGTAAFAAARSIRARDPGARVLIVSE
DPELPYMRPPLSKELWFSDDPNVTKTLRFKQWNGKERSIYFQPPSFYVSAQDLPHIENGGVAVLTGKKVVQLDVRDNMVK
LNDGSQITYEKCLIATGGTPRSLSAIDRAGAEVKSRTTLFRKIGDFRSLEKISREVKSITIIGGGFLGSELACALGRKAR
ALGTEVIQLFPEKGNMGKILPEYLSNWTMEKVRREGVKVMPNAIVQSVGVSSGKLLIKLKDGRKVETDHIVAAVGLEPNV
ELAKTGGLEIDSDFGGFRVNAELQARSNIWVAGDAACFYDIKLGRRRVEHHDHAVVSGRLAGENMTGAAKPYWHQSMFWS
DLGPDVGYEAIGLVDSSLPTVGVFAKATAQDNPKSATEQSGTGIRSESETESEASEITIPPSTPAVPQAPVQGEDYGKGV
IFYLRDKVVVGIVLWNIFNRMPIARKIIKDGEQHEDLNEVAKLFNIHEDAAALEHHHHHH
;
_entity_poly.pdbx_strand_id   B,C
#
loop_
_chem_comp.id
_chem_comp.type
_chem_comp.name
_chem_comp.formula
FAD non-polymer 'FLAVIN-ADENINE DINUCLEOTIDE' 'C27 H33 N9 O15 P2'
NAD non-polymer NICOTINAMIDE-ADENINE-DINUCLEOTIDE 'C21 H27 N7 O14 P2'
#
# COMPACT_ATOMS: atom_id res chain seq x y z
N ALA A 44 25.88 2.25 22.25
CA ALA A 44 27.21 1.97 22.79
C ALA A 44 27.71 0.54 22.47
N PRO A 45 26.88 -0.49 22.67
CA PRO A 45 27.30 -1.83 22.23
C PRO A 45 27.37 -1.93 20.72
N SER A 46 28.23 -2.83 20.24
CA SER A 46 28.38 -3.02 18.80
C SER A 46 27.23 -3.83 18.20
N HIS A 47 26.74 -4.84 18.92
CA HIS A 47 25.71 -5.73 18.43
C HIS A 47 24.61 -5.87 19.47
N VAL A 48 23.36 -5.80 19.04
CA VAL A 48 22.20 -5.87 19.93
C VAL A 48 21.17 -6.80 19.30
N PRO A 49 20.66 -7.79 20.04
CA PRO A 49 19.60 -8.65 19.46
C PRO A 49 18.34 -7.89 19.07
N PHE A 50 17.88 -6.96 19.91
CA PHE A 50 16.61 -6.25 19.69
C PHE A 50 16.85 -4.75 19.79
N LEU A 51 16.70 -4.05 18.69
CA LEU A 51 16.81 -2.59 18.66
C LEU A 51 15.43 -1.97 18.52
N LEU A 52 15.14 -0.98 19.37
CA LEU A 52 13.90 -0.21 19.30
C LEU A 52 14.28 1.24 19.08
N ILE A 53 14.00 1.76 17.89
CA ILE A 53 14.34 3.13 17.55
C ILE A 53 13.23 4.06 18.03
N GLY A 54 13.59 5.01 18.88
CA GLY A 54 12.63 5.96 19.41
C GLY A 54 12.02 5.44 20.68
N GLY A 55 12.25 6.12 21.80
CA GLY A 55 11.76 5.62 23.08
C GLY A 55 10.56 6.37 23.61
N GLY A 56 9.39 5.79 23.49
CA GLY A 56 8.16 6.42 23.93
C GLY A 56 7.18 5.40 24.44
N THR A 57 5.91 5.61 24.16
CA THR A 57 4.87 4.67 24.60
C THR A 57 5.00 3.33 23.89
N ALA A 58 5.12 3.37 22.56
CA ALA A 58 5.18 2.13 21.78
C ALA A 58 6.47 1.36 22.07
N ALA A 59 7.60 2.06 22.19
CA ALA A 59 8.86 1.37 22.45
C ALA A 59 8.85 0.69 23.81
N PHE A 60 8.31 1.35 24.83
CA PHE A 60 8.24 0.74 26.15
C PHE A 60 7.31 -0.48 26.14
N ALA A 61 6.16 -0.36 25.47
CA ALA A 61 5.26 -1.50 25.39
C ALA A 61 5.90 -2.67 24.64
N ALA A 62 6.64 -2.37 23.57
CA ALA A 62 7.31 -3.42 22.81
C ALA A 62 8.40 -4.09 23.63
N ALA A 63 9.18 -3.30 24.38
CA ALA A 63 10.20 -3.89 25.24
C ALA A 63 9.57 -4.79 26.29
N ARG A 64 8.43 -4.38 26.85
CA ARG A 64 7.74 -5.22 27.83
C ARG A 64 7.25 -6.52 27.20
N SER A 65 6.68 -6.45 25.98
CA SER A 65 6.23 -7.69 25.33
C SER A 65 7.39 -8.62 25.00
N ILE A 66 8.51 -8.05 24.54
CA ILE A 66 9.68 -8.86 24.25
C ILE A 66 10.15 -9.56 25.52
N ARG A 67 10.23 -8.83 26.63
CA ARG A 67 10.69 -9.43 27.88
C ARG A 67 9.70 -10.47 28.40
N ALA A 68 8.40 -10.26 28.18
CA ALA A 68 7.41 -11.22 28.65
C ALA A 68 7.49 -12.52 27.86
N ARG A 69 7.58 -12.43 26.53
CA ARG A 69 7.61 -13.64 25.72
C ARG A 69 8.97 -14.33 25.73
N ASP A 70 10.06 -13.57 25.80
CA ASP A 70 11.41 -14.13 25.70
C ASP A 70 12.21 -13.64 26.91
N PRO A 71 12.05 -14.30 28.06
CA PRO A 71 12.93 -13.99 29.19
C PRO A 71 14.39 -14.24 28.84
N GLY A 72 15.26 -13.40 29.38
CA GLY A 72 16.66 -13.43 29.01
C GLY A 72 17.02 -12.61 27.80
N ALA A 73 16.10 -11.78 27.30
CA ALA A 73 16.36 -10.96 26.13
C ALA A 73 17.25 -9.78 26.49
N ARG A 74 17.83 -9.17 25.46
CA ARG A 74 18.69 -7.99 25.60
C ARG A 74 18.15 -6.92 24.67
N VAL A 75 17.42 -5.96 25.23
CA VAL A 75 16.74 -4.92 24.45
C VAL A 75 17.48 -3.61 24.65
N LEU A 76 17.79 -2.95 23.53
CA LEU A 76 18.34 -1.60 23.54
C LEU A 76 17.30 -0.63 23.00
N ILE A 77 17.07 0.46 23.73
CA ILE A 77 16.20 1.54 23.29
C ILE A 77 17.09 2.73 22.99
N VAL A 78 17.03 3.21 21.75
CA VAL A 78 17.77 4.40 21.32
C VAL A 78 16.75 5.52 21.17
N SER A 79 16.86 6.53 22.01
CA SER A 79 15.91 7.64 22.03
C SER A 79 16.65 8.95 21.91
N GLU A 80 16.08 9.88 21.15
CA GLU A 80 16.68 11.20 21.00
C GLU A 80 16.33 12.14 22.15
N ASP A 81 15.36 11.79 22.97
CA ASP A 81 15.04 12.56 24.15
C ASP A 81 16.07 12.33 25.25
N PRO A 82 16.35 13.34 26.08
CA PRO A 82 17.24 13.15 27.21
C PRO A 82 16.60 12.47 28.41
N GLU A 83 15.31 12.10 28.32
CA GLU A 83 14.59 11.53 29.43
C GLU A 83 14.19 10.09 29.14
N LEU A 84 13.93 9.35 30.21
CA LEU A 84 13.39 8.00 30.10
C LEU A 84 11.94 8.06 29.64
N PRO A 85 11.40 6.96 29.13
CA PRO A 85 10.03 6.99 28.60
C PRO A 85 9.01 7.44 29.65
N TYR A 86 8.02 8.20 29.18
CA TYR A 86 6.94 8.70 30.02
C TYR A 86 5.66 8.76 29.18
N MET A 87 4.53 8.90 29.86
CA MET A 87 3.24 8.97 29.20
C MET A 87 2.78 10.41 29.06
N ARG A 88 2.25 10.75 27.88
CA ARG A 88 1.83 12.09 27.48
C ARG A 88 0.43 12.55 27.97
N PRO A 89 -0.58 11.69 28.07
CA PRO A 89 -1.94 12.17 28.37
C PRO A 89 -2.02 13.04 29.61
N PRO A 90 -1.32 12.74 30.71
CA PRO A 90 -1.41 13.64 31.88
C PRO A 90 -0.74 15.00 31.67
N LEU A 91 0.00 15.18 30.58
CA LEU A 91 0.68 16.44 30.31
C LEU A 91 -0.26 17.55 29.90
N SER A 92 -1.53 17.25 29.63
CA SER A 92 -2.52 18.26 29.26
C SER A 92 -3.74 18.28 30.15
N LYS A 93 -3.99 17.24 30.94
CA LYS A 93 -5.16 17.19 31.81
C LYS A 93 -4.79 17.07 33.28
N GLU A 94 -4.06 16.02 33.67
CA GLU A 94 -3.92 15.68 35.08
C GLU A 94 -2.98 16.63 35.81
N LEU A 95 -1.86 16.98 35.19
CA LEU A 95 -0.87 17.83 35.85
C LEU A 95 -1.32 19.27 35.99
N TRP A 96 -2.44 19.65 35.36
CA TRP A 96 -2.95 21.00 35.48
C TRP A 96 -3.94 21.15 36.62
N PHE A 97 -4.72 20.10 36.90
CA PHE A 97 -5.76 20.14 37.92
C PHE A 97 -5.23 19.81 39.32
N SER A 98 -3.95 19.48 39.43
CA SER A 98 -3.38 19.12 40.72
C SER A 98 -3.29 20.32 41.64
N ASP A 99 -3.65 20.12 42.90
CA ASP A 99 -3.54 21.17 43.91
C ASP A 99 -2.13 21.33 44.43
N ASP A 100 -1.26 20.34 44.22
CA ASP A 100 0.10 20.41 44.74
C ASP A 100 0.86 21.53 44.02
N PRO A 101 1.55 22.41 44.76
CA PRO A 101 2.18 23.57 44.12
C PRO A 101 3.30 23.23 43.15
N ASN A 102 4.28 22.44 43.60
CA ASN A 102 5.45 22.14 42.77
C ASN A 102 5.29 20.79 42.07
N VAL A 103 4.26 20.71 41.23
CA VAL A 103 4.08 19.55 40.37
C VAL A 103 5.00 19.61 39.15
N THR A 104 5.43 20.82 38.76
CA THR A 104 6.38 20.96 37.66
C THR A 104 7.64 20.14 37.90
N LYS A 105 8.08 20.05 39.15
CA LYS A 105 9.29 19.29 39.48
C LYS A 105 8.99 17.83 39.77
N THR A 106 7.99 17.56 40.61
CA THR A 106 7.70 16.19 41.00
C THR A 106 7.14 15.37 39.85
N LEU A 107 6.33 15.98 38.99
CA LEU A 107 5.67 15.29 37.89
C LEU A 107 4.83 14.11 38.39
N ARG A 108 4.14 14.31 39.51
CA ARG A 108 3.27 13.31 40.08
C ARG A 108 1.83 13.82 40.09
N PHE A 109 0.88 12.91 39.94
CA PHE A 109 -0.51 13.27 39.77
C PHE A 109 -1.38 12.16 40.33
N LYS A 110 -2.67 12.46 40.49
CA LYS A 110 -3.63 11.49 40.97
C LYS A 110 -4.37 10.85 39.79
N GLN A 111 -5.00 9.70 40.06
CA GLN A 111 -5.63 8.93 39.01
C GLN A 111 -7.07 8.56 39.37
N TRP A 112 -7.67 7.68 38.56
CA TRP A 112 -9.03 7.22 38.81
C TRP A 112 -9.13 6.52 40.16
N ASN A 113 -8.15 5.66 40.47
CA ASN A 113 -8.13 5.01 41.78
C ASN A 113 -7.81 6.01 42.89
N GLY A 114 -7.06 7.06 42.59
CA GLY A 114 -6.67 8.04 43.58
C GLY A 114 -5.26 7.87 44.11
N LYS A 115 -4.50 6.91 43.60
CA LYS A 115 -3.14 6.67 44.05
C LYS A 115 -2.17 7.47 43.18
N GLU A 116 -1.32 8.26 43.83
CA GLU A 116 -0.39 9.12 43.11
C GLU A 116 0.66 8.29 42.39
N ARG A 117 0.95 8.67 41.14
CA ARG A 117 1.95 7.97 40.34
C ARG A 117 2.72 8.99 39.51
N SER A 118 3.87 8.55 39.02
CA SER A 118 4.77 9.41 38.25
C SER A 118 4.42 9.41 36.77
N ILE A 119 4.87 10.46 36.08
CA ILE A 119 4.67 10.55 34.64
C ILE A 119 5.49 9.50 33.89
N TYR A 120 6.55 8.99 34.50
CA TYR A 120 7.44 8.04 33.86
C TYR A 120 6.91 6.62 33.96
N PHE A 121 7.24 5.81 32.95
CA PHE A 121 6.73 4.45 32.90
C PHE A 121 7.34 3.58 33.99
N GLN A 122 8.65 3.68 34.20
CA GLN A 122 9.34 2.91 35.22
C GLN A 122 10.38 3.78 35.91
N PRO A 123 10.72 3.46 37.15
CA PRO A 123 11.81 4.17 37.84
C PRO A 123 13.15 3.87 37.19
N PRO A 124 14.13 4.77 37.35
CA PRO A 124 15.42 4.59 36.65
C PRO A 124 16.17 3.33 37.03
N SER A 125 15.91 2.75 38.20
CA SER A 125 16.59 1.52 38.60
C SER A 125 16.17 0.33 37.75
N PHE A 126 15.03 0.41 37.08
CA PHE A 126 14.53 -0.69 36.26
C PHE A 126 15.47 -0.98 35.09
N TYR A 127 16.07 0.05 34.52
CA TYR A 127 16.90 -0.09 33.34
C TYR A 127 18.33 -0.43 33.71
N VAL A 128 19.01 -1.14 32.81
CA VAL A 128 20.42 -1.47 32.98
C VAL A 128 21.25 -0.56 32.09
N SER A 129 22.55 -0.52 32.33
CA SER A 129 23.42 0.35 31.57
C SER A 129 23.65 -0.22 30.17
N ALA A 130 23.98 0.67 29.23
CA ALA A 130 24.20 0.24 27.84
C ALA A 130 25.40 -0.68 27.74
N GLN A 131 26.49 -0.35 28.41
CA GLN A 131 27.66 -1.22 28.42
C GLN A 131 27.42 -2.47 29.23
N ASP A 132 26.51 -2.41 30.20
CA ASP A 132 26.19 -3.55 31.04
C ASP A 132 25.27 -4.55 30.34
N LEU A 133 24.59 -4.14 29.28
CA LEU A 133 23.61 -4.99 28.61
C LEU A 133 24.21 -6.27 28.03
N PRO A 134 25.32 -6.26 27.29
CA PRO A 134 25.77 -7.50 26.64
C PRO A 134 26.07 -8.64 27.60
N HIS A 135 26.52 -8.35 28.82
CA HIS A 135 26.92 -9.39 29.78
C HIS A 135 26.18 -9.23 31.10
N ILE A 136 24.97 -9.77 31.17
CA ILE A 136 24.16 -9.74 32.39
C ILE A 136 23.23 -10.95 32.36
N GLU A 137 23.10 -11.60 33.51
CA GLU A 137 22.20 -12.74 33.61
C GLU A 137 20.76 -12.32 33.35
N ASN A 138 20.10 -13.04 32.46
CA ASN A 138 18.75 -12.74 31.97
C ASN A 138 18.67 -11.41 31.23
N GLY A 139 19.82 -10.84 30.85
CA GLY A 139 19.82 -9.64 30.03
C GLY A 139 19.14 -8.47 30.72
N GLY A 140 18.40 -7.69 29.95
CA GLY A 140 17.65 -6.59 30.49
C GLY A 140 17.28 -5.60 29.39
N VAL A 141 16.80 -4.44 29.83
CA VAL A 141 16.46 -3.33 28.95
C VAL A 141 17.38 -2.18 29.26
N ALA A 142 18.07 -1.68 28.24
CA ALA A 142 18.95 -0.52 28.37
C ALA A 142 18.46 0.57 27.44
N VAL A 143 18.34 1.78 27.97
CA VAL A 143 17.88 2.94 27.21
C VAL A 143 19.10 3.81 26.94
N LEU A 144 19.32 4.12 25.67
CA LEU A 144 20.45 4.97 25.24
C LEU A 144 19.88 6.35 24.92
N THR A 145 19.71 7.16 25.95
CA THR A 145 19.06 8.45 25.81
C THR A 145 19.98 9.48 25.15
N GLY A 146 19.37 10.42 24.43
CA GLY A 146 20.11 11.48 23.80
C GLY A 146 20.76 11.14 22.48
N LYS A 147 20.49 9.96 21.93
CA LYS A 147 21.09 9.52 20.68
C LYS A 147 20.01 9.37 19.63
N LYS A 148 20.25 9.90 18.44
CA LYS A 148 19.28 9.89 17.35
C LYS A 148 19.79 8.97 16.24
N VAL A 149 18.93 8.07 15.78
CA VAL A 149 19.25 7.22 14.63
C VAL A 149 19.09 8.05 13.37
N VAL A 150 20.19 8.26 12.66
CA VAL A 150 20.17 9.11 11.47
C VAL A 150 20.23 8.32 10.17
N GLN A 151 20.70 7.08 10.20
CA GLN A 151 20.80 6.28 8.99
C GLN A 151 20.39 4.85 9.32
N LEU A 152 19.73 4.21 8.36
CA LEU A 152 19.25 2.84 8.54
C LEU A 152 19.58 2.06 7.29
N ASP A 153 20.46 1.08 7.40
CA ASP A 153 20.90 0.28 6.27
C ASP A 153 20.32 -1.13 6.44
N VAL A 154 19.22 -1.40 5.72
CA VAL A 154 18.52 -2.67 5.90
C VAL A 154 19.35 -3.83 5.35
N ARG A 155 20.18 -3.58 4.34
CA ARG A 155 20.92 -4.66 3.69
C ARG A 155 21.87 -5.35 4.67
N ASP A 156 22.58 -4.59 5.48
CA ASP A 156 23.54 -5.14 6.43
C ASP A 156 22.98 -5.28 7.83
N ASN A 157 21.72 -4.90 8.06
CA ASN A 157 21.11 -4.91 9.39
C ASN A 157 21.91 -4.07 10.38
N MET A 158 22.18 -2.82 10.00
CA MET A 158 23.02 -1.94 10.80
C MET A 158 22.47 -0.53 10.75
N VAL A 159 22.47 0.15 11.90
CA VAL A 159 22.07 1.55 11.98
C VAL A 159 23.27 2.40 12.39
N LYS A 160 23.17 3.69 12.12
CA LYS A 160 24.21 4.65 12.46
C LYS A 160 23.58 5.80 13.24
N LEU A 161 24.12 6.09 14.42
CA LEU A 161 23.57 7.14 15.27
C LEU A 161 24.19 8.49 14.90
N ASN A 162 23.70 9.55 15.56
CA ASN A 162 24.13 10.90 15.19
C ASN A 162 25.57 11.19 15.61
N ASP A 163 26.15 10.36 16.47
CA ASP A 163 27.53 10.53 16.90
C ASP A 163 28.51 9.68 16.10
N GLY A 164 28.04 9.01 15.06
CA GLY A 164 28.88 8.19 14.22
C GLY A 164 29.00 6.74 14.62
N SER A 165 28.47 6.35 15.78
CA SER A 165 28.54 4.96 16.22
C SER A 165 27.57 4.11 15.39
N GLN A 166 27.98 2.88 15.13
CA GLN A 166 27.18 1.91 14.39
C GLN A 166 26.76 0.78 15.31
N ILE A 167 25.50 0.36 15.20
CA ILE A 167 24.96 -0.75 15.96
C ILE A 167 24.38 -1.75 14.97
N THR A 168 24.78 -3.01 15.09
CA THR A 168 24.26 -4.09 14.28
C THR A 168 23.16 -4.81 15.05
N TYR A 169 22.00 -5.00 14.41
CA TYR A 169 20.85 -5.57 15.06
C TYR A 169 20.43 -6.86 14.36
N GLU A 170 19.66 -7.67 15.08
CA GLU A 170 19.03 -8.86 14.52
C GLU A 170 17.56 -8.65 14.23
N LYS A 171 16.86 -7.90 15.08
CA LYS A 171 15.50 -7.44 14.83
C LYS A 171 15.41 -5.97 15.21
N CYS A 172 14.64 -5.20 14.45
CA CYS A 172 14.54 -3.76 14.69
C CYS A 172 13.07 -3.34 14.68
N LEU A 173 12.75 -2.37 15.53
CA LEU A 173 11.43 -1.75 15.57
C LEU A 173 11.58 -0.26 15.39
N ILE A 174 10.75 0.32 14.53
CA ILE A 174 10.74 1.76 14.32
C ILE A 174 9.48 2.29 14.98
N ALA A 175 9.63 2.83 16.20
CA ALA A 175 8.52 3.35 16.97
C ALA A 175 8.61 4.85 17.16
N THR A 176 9.14 5.56 16.18
CA THR A 176 9.10 7.02 16.17
C THR A 176 7.66 7.50 16.16
N GLY A 177 7.44 8.70 16.68
CA GLY A 177 6.09 9.23 16.74
C GLY A 177 5.80 10.24 15.67
N GLY A 178 5.29 11.41 16.08
CA GLY A 178 5.10 12.52 15.18
C GLY A 178 5.70 13.79 15.76
N THR A 179 5.62 14.86 14.97
CA THR A 179 6.02 16.18 15.42
C THR A 179 4.88 17.14 15.16
N PRO A 180 4.70 18.15 16.01
CA PRO A 180 3.59 19.08 15.83
C PRO A 180 3.72 19.85 14.52
N ARG A 181 2.58 20.08 13.88
CA ARG A 181 2.55 20.86 12.66
C ARG A 181 2.60 22.35 12.99
N SER A 182 3.36 23.11 12.20
CA SER A 182 3.42 24.54 12.35
C SER A 182 2.32 25.20 11.53
N LEU A 183 2.25 26.51 11.58
CA LEU A 183 1.24 27.29 10.87
C LEU A 183 1.92 28.15 9.82
N SER A 184 1.26 28.31 8.67
CA SER A 184 1.81 29.12 7.61
C SER A 184 1.96 30.59 8.03
N ALA A 185 0.96 31.12 8.73
CA ALA A 185 1.06 32.48 9.23
C ALA A 185 2.20 32.61 10.24
N ILE A 186 2.38 31.59 11.08
CA ILE A 186 3.45 31.63 12.08
C ILE A 186 4.81 31.50 11.40
N ASP A 187 4.93 30.58 10.44
CA ASP A 187 6.23 30.35 9.83
C ASP A 187 6.64 31.52 8.94
N ARG A 188 5.67 32.20 8.31
CA ARG A 188 6.00 33.36 7.50
C ARG A 188 6.34 34.60 8.32
N ALA A 189 6.06 34.58 9.62
CA ALA A 189 6.32 35.73 10.47
C ALA A 189 7.80 35.76 10.88
N GLY A 190 8.15 36.75 11.70
CA GLY A 190 9.53 36.93 12.13
C GLY A 190 9.90 36.01 13.27
N ALA A 191 11.14 36.19 13.75
CA ALA A 191 11.64 35.38 14.85
C ALA A 191 10.94 35.73 16.16
N GLU A 192 10.56 37.00 16.34
CA GLU A 192 9.87 37.40 17.57
C GLU A 192 8.54 36.68 17.72
N VAL A 193 7.79 36.55 16.63
CA VAL A 193 6.51 35.85 16.68
C VAL A 193 6.74 34.36 16.91
N LYS A 194 7.79 33.80 16.31
CA LYS A 194 8.11 32.39 16.51
C LYS A 194 8.44 32.09 17.97
N SER A 195 9.19 32.98 18.62
CA SER A 195 9.60 32.74 19.99
C SER A 195 8.43 32.81 20.97
N ARG A 196 7.31 33.39 20.56
CA ARG A 196 6.15 33.53 21.44
C ARG A 196 5.08 32.47 21.21
N THR A 197 5.22 31.64 20.17
CA THR A 197 4.27 30.56 19.91
C THR A 197 4.79 29.27 20.53
N THR A 198 3.87 28.34 20.78
CA THR A 198 4.19 27.09 21.46
C THR A 198 3.62 25.90 20.68
N LEU A 199 4.43 24.86 20.53
CA LEU A 199 3.98 23.56 20.06
C LEU A 199 4.08 22.59 21.23
N PHE A 200 2.97 21.95 21.57
CA PHE A 200 2.83 21.24 22.85
C PHE A 200 2.93 19.74 22.62
N ARG A 201 4.12 19.18 22.82
CA ARG A 201 4.28 17.73 22.81
C ARG A 201 4.94 17.19 24.07
N LYS A 202 6.04 17.79 24.54
CA LYS A 202 6.90 17.18 25.54
C LYS A 202 6.74 17.83 26.91
N ILE A 203 7.57 17.37 27.86
CA ILE A 203 7.54 17.89 29.22
C ILE A 203 8.06 19.32 29.26
N GLY A 204 9.09 19.62 28.48
CA GLY A 204 9.60 20.99 28.45
C GLY A 204 8.54 21.98 28.00
N ASP A 205 7.73 21.59 27.03
CA ASP A 205 6.62 22.44 26.59
C ASP A 205 5.61 22.62 27.71
N PHE A 206 5.34 21.56 28.49
CA PHE A 206 4.40 21.67 29.59
C PHE A 206 4.91 22.66 30.64
N ARG A 207 6.19 22.57 31.00
CA ARG A 207 6.76 23.50 31.97
C ARG A 207 6.73 24.93 31.44
N SER A 208 7.10 25.11 30.17
CA SER A 208 7.10 26.44 29.57
C SER A 208 5.70 27.04 29.58
N LEU A 209 4.69 26.25 29.21
CA LEU A 209 3.33 26.76 29.15
C LEU A 209 2.79 27.05 30.55
N GLU A 210 3.16 26.24 31.54
CA GLU A 210 2.72 26.52 32.90
C GLU A 210 3.32 27.84 33.41
N LYS A 211 4.61 28.05 33.17
CA LYS A 211 5.23 29.32 33.54
C LYS A 211 4.57 30.49 32.83
N ILE A 212 4.31 30.34 31.52
CA ILE A 212 3.69 31.41 30.76
C ILE A 212 2.30 31.71 31.28
N SER A 213 1.51 30.68 31.59
CA SER A 213 0.18 30.88 32.11
C SER A 213 0.22 31.61 33.45
N ARG A 214 1.21 31.30 34.29
CA ARG A 214 1.36 32.05 35.53
C ARG A 214 1.77 33.50 35.26
N GLU A 215 2.50 33.76 34.18
CA GLU A 215 3.04 35.11 33.96
C GLU A 215 2.11 35.99 33.12
N VAL A 216 1.82 35.58 31.88
CA VAL A 216 1.16 36.46 30.92
C VAL A 216 -0.31 36.67 31.29
N LYS A 217 -0.96 37.61 30.59
CA LYS A 217 -2.34 38.00 30.87
C LYS A 217 -3.35 37.34 29.95
N SER A 218 -3.05 37.21 28.66
CA SER A 218 -3.99 36.66 27.69
C SER A 218 -3.34 35.51 26.92
N ILE A 219 -4.06 34.40 26.78
CA ILE A 219 -3.61 33.25 26.02
C ILE A 219 -4.60 33.00 24.90
N THR A 220 -4.10 32.83 23.68
CA THR A 220 -4.92 32.49 22.52
C THR A 220 -4.47 31.14 21.99
N ILE A 221 -5.44 30.26 21.74
CA ILE A 221 -5.17 28.90 21.30
C ILE A 221 -5.66 28.75 19.86
N ILE A 222 -4.78 28.29 18.98
CA ILE A 222 -5.13 27.96 17.60
C ILE A 222 -5.35 26.46 17.50
N GLY A 223 -6.43 26.06 16.87
CA GLY A 223 -6.74 24.66 16.72
C GLY A 223 -7.94 24.29 17.58
N GLY A 224 -8.82 23.47 17.02
CA GLY A 224 -10.03 23.10 17.71
C GLY A 224 -10.26 21.60 17.74
N GLY A 225 -9.18 20.83 17.74
CA GLY A 225 -9.28 19.39 17.81
C GLY A 225 -9.25 18.87 19.23
N PHE A 226 -8.43 17.85 19.48
CA PHE A 226 -8.30 17.30 20.84
C PHE A 226 -7.44 18.20 21.72
N LEU A 227 -6.19 18.41 21.31
CA LEU A 227 -5.24 19.12 22.14
C LEU A 227 -5.67 20.57 22.38
N GLY A 228 -6.16 21.24 21.34
CA GLY A 228 -6.60 22.60 21.50
C GLY A 228 -7.71 22.74 22.51
N SER A 229 -8.72 21.86 22.42
CA SER A 229 -9.85 21.93 23.33
C SER A 229 -9.45 21.60 24.77
N GLU A 230 -8.58 20.59 24.95
CA GLU A 230 -8.14 20.25 26.30
C GLU A 230 -7.33 21.37 26.93
N LEU A 231 -6.41 21.97 26.16
CA LEU A 231 -5.64 23.10 26.68
C LEU A 231 -6.55 24.30 26.94
N ALA A 232 -7.57 24.51 26.11
CA ALA A 232 -8.51 25.59 26.36
C ALA A 232 -9.24 25.39 27.67
N CYS A 233 -9.71 24.17 27.93
CA CYS A 233 -10.42 23.91 29.18
C CYS A 233 -9.49 24.12 30.38
N ALA A 234 -8.26 23.58 30.31
CA ALA A 234 -7.35 23.67 31.44
C ALA A 234 -6.95 25.13 31.73
N LEU A 235 -6.55 25.85 30.68
CA LEU A 235 -6.14 27.24 30.86
C LEU A 235 -7.32 28.13 31.24
N GLY A 236 -8.54 27.80 30.78
CA GLY A 236 -9.70 28.54 31.21
C GLY A 236 -10.00 28.34 32.68
N ARG A 237 -9.85 27.11 33.17
CA ARG A 237 -9.99 26.87 34.60
C ARG A 237 -8.97 27.66 35.39
N LYS A 238 -7.71 27.64 34.94
CA LYS A 238 -6.68 28.38 35.66
C LYS A 238 -6.95 29.89 35.63
N ALA A 239 -7.40 30.41 34.48
CA ALA A 239 -7.70 31.83 34.36
C ALA A 239 -8.86 32.23 35.27
N ARG A 240 -9.92 31.41 35.32
CA ARG A 240 -11.01 31.69 36.22
C ARG A 240 -10.55 31.63 37.68
N ALA A 241 -9.61 30.75 37.99
CA ALA A 241 -9.02 30.74 39.33
C ALA A 241 -8.26 32.03 39.60
N LEU A 242 -7.59 32.58 38.59
CA LEU A 242 -6.82 33.81 38.77
C LEU A 242 -7.61 35.06 38.38
N GLY A 243 -8.14 35.10 37.15
CA GLY A 243 -8.83 36.27 36.67
C GLY A 243 -8.29 36.82 35.35
N THR A 244 -7.67 35.95 34.56
CA THR A 244 -7.10 36.33 33.28
C THR A 244 -7.99 35.84 32.13
N GLU A 245 -7.51 35.99 30.90
CA GLU A 245 -8.32 35.79 29.69
C GLU A 245 -7.70 34.72 28.81
N VAL A 246 -8.56 33.86 28.25
CA VAL A 246 -8.15 32.80 27.35
C VAL A 246 -9.13 32.74 26.18
N ILE A 247 -8.59 32.60 24.97
CA ILE A 247 -9.37 32.66 23.74
C ILE A 247 -9.01 31.47 22.86
N GLN A 248 -10.01 30.89 22.21
CA GLN A 248 -9.81 29.79 21.27
C GLN A 248 -10.36 30.18 19.90
N LEU A 249 -9.58 29.89 18.85
CA LEU A 249 -9.98 30.17 17.48
C LEU A 249 -9.64 28.99 16.59
N PHE A 250 -10.55 28.66 15.68
CA PHE A 250 -10.39 27.52 14.78
C PHE A 250 -11.31 27.72 13.58
N PRO A 251 -10.98 27.13 12.43
CA PRO A 251 -11.74 27.40 11.20
C PRO A 251 -12.97 26.54 10.96
N GLU A 252 -13.52 25.87 11.97
CA GLU A 252 -14.76 25.13 11.81
C GLU A 252 -15.89 25.84 12.53
N LYS A 253 -17.07 25.23 12.48
CA LYS A 253 -18.26 25.81 13.08
C LYS A 253 -18.43 25.43 14.55
N GLY A 254 -17.62 24.50 15.06
CA GLY A 254 -17.75 24.07 16.43
C GLY A 254 -16.53 23.27 16.84
N ASN A 255 -16.48 22.96 18.13
CA ASN A 255 -15.35 22.22 18.69
C ASN A 255 -15.39 20.77 18.24
N MET A 256 -14.24 20.27 17.81
CA MET A 256 -14.09 18.88 17.35
C MET A 256 -15.08 18.57 16.22
N GLY A 257 -15.09 19.44 15.21
CA GLY A 257 -15.98 19.26 14.08
C GLY A 257 -15.57 18.17 13.12
N LYS A 258 -14.36 17.64 13.27
CA LYS A 258 -13.87 16.55 12.43
C LYS A 258 -14.07 15.18 13.07
N ILE A 259 -14.73 15.12 14.23
CA ILE A 259 -14.97 13.88 14.95
C ILE A 259 -16.46 13.75 15.24
N LEU A 260 -17.04 14.78 15.86
CA LEU A 260 -18.44 14.78 16.25
C LEU A 260 -19.31 15.32 15.13
N PRO A 261 -20.62 15.01 15.15
CA PRO A 261 -21.54 15.65 14.21
C PRO A 261 -21.72 17.14 14.52
N GLU A 262 -22.53 17.83 13.70
CA GLU A 262 -22.63 19.28 13.81
C GLU A 262 -23.33 19.72 15.08
N TYR A 263 -24.43 19.05 15.45
CA TYR A 263 -25.17 19.47 16.64
C TYR A 263 -24.36 19.20 17.92
N LEU A 264 -23.64 18.07 17.98
CA LEU A 264 -22.77 17.85 19.13
C LEU A 264 -21.57 18.80 19.11
N SER A 265 -21.10 19.19 17.94
CA SER A 265 -20.04 20.20 17.88
C SER A 265 -20.52 21.52 18.46
N ASN A 266 -21.74 21.94 18.12
CA ASN A 266 -22.29 23.16 18.69
C ASN A 266 -22.49 23.03 20.20
N TRP A 267 -22.98 21.87 20.66
CA TRP A 267 -23.15 21.64 22.09
C TRP A 267 -21.82 21.73 22.83
N THR A 268 -20.78 21.09 22.28
CA THR A 268 -19.47 21.14 22.90
C THR A 268 -18.92 22.56 22.90
N MET A 269 -19.16 23.31 21.83
CA MET A 269 -18.71 24.70 21.80
C MET A 269 -19.37 25.52 22.91
N GLU A 270 -20.68 25.34 23.10
CA GLU A 270 -21.36 26.04 24.18
C GLU A 270 -20.82 25.65 25.55
N LYS A 271 -20.60 24.35 25.76
CA LYS A 271 -20.09 23.90 27.06
C LYS A 271 -18.68 24.42 27.32
N VAL A 272 -17.85 24.51 26.28
CA VAL A 272 -16.52 25.09 26.44
C VAL A 272 -16.64 26.58 26.75
N ARG A 273 -17.60 27.27 26.13
CA ARG A 273 -17.84 28.67 26.47
C ARG A 273 -18.19 28.82 27.94
N ARG A 274 -18.94 27.86 28.49
CA ARG A 274 -19.27 27.92 29.91
C ARG A 274 -18.07 27.74 30.81
N GLU A 275 -16.93 27.28 30.27
CA GLU A 275 -15.73 27.07 31.06
C GLU A 275 -14.86 28.31 31.17
N GLY A 276 -15.30 29.45 30.64
CA GLY A 276 -14.52 30.67 30.69
C GLY A 276 -13.63 30.90 29.51
N VAL A 277 -13.97 30.35 28.34
CA VAL A 277 -13.16 30.46 27.15
C VAL A 277 -13.99 31.15 26.07
N LYS A 278 -13.46 32.24 25.52
CA LYS A 278 -14.10 32.95 24.41
C LYS A 278 -13.77 32.20 23.13
N VAL A 279 -14.77 31.54 22.54
CA VAL A 279 -14.58 30.69 21.37
C VAL A 279 -14.95 31.46 20.12
N MET A 280 -14.07 31.45 19.12
CA MET A 280 -14.31 32.10 17.84
C MET A 280 -14.24 31.08 16.72
N PRO A 281 -15.37 30.47 16.35
CA PRO A 281 -15.37 29.57 15.19
C PRO A 281 -15.25 30.36 13.89
N ASN A 282 -14.85 29.64 12.84
CA ASN A 282 -14.70 30.21 11.50
C ASN A 282 -13.69 31.35 11.49
N ALA A 283 -12.49 31.09 11.98
CA ALA A 283 -11.42 32.07 12.02
C ALA A 283 -10.21 31.53 11.25
N ILE A 284 -10.05 31.96 10.01
CA ILE A 284 -8.92 31.56 9.19
C ILE A 284 -7.80 32.58 9.38
N VAL A 285 -6.64 32.10 9.81
CA VAL A 285 -5.55 32.99 10.19
C VAL A 285 -4.81 33.43 8.92
N GLN A 286 -4.59 34.74 8.79
CA GLN A 286 -3.89 35.31 7.64
C GLN A 286 -2.46 35.69 7.96
N SER A 287 -2.23 36.43 9.05
CA SER A 287 -0.87 36.79 9.44
C SER A 287 -0.85 37.11 10.93
N VAL A 288 0.32 36.94 11.54
CA VAL A 288 0.54 37.24 12.94
C VAL A 288 1.72 38.20 13.06
N GLY A 289 1.52 39.30 13.77
CA GLY A 289 2.56 40.29 13.94
C GLY A 289 2.65 40.81 15.36
N VAL A 290 3.41 41.90 15.55
CA VAL A 290 3.60 42.51 16.86
C VAL A 290 3.24 43.99 16.77
N SER A 291 2.59 44.49 17.82
CA SER A 291 2.23 45.91 17.93
C SER A 291 2.38 46.31 19.39
N SER A 292 3.35 47.19 19.66
CA SER A 292 3.62 47.68 21.02
C SER A 292 3.92 46.52 21.97
N GLY A 293 4.71 45.55 21.48
CA GLY A 293 5.12 44.44 22.31
C GLY A 293 4.04 43.41 22.58
N LYS A 294 3.00 43.36 21.75
CA LYS A 294 1.91 42.41 21.90
C LYS A 294 1.61 41.78 20.54
N LEU A 295 1.36 40.46 20.55
CA LEU A 295 1.01 39.77 19.32
C LEU A 295 -0.37 40.20 18.85
N LEU A 296 -0.55 40.27 17.54
CA LEU A 296 -1.81 40.68 16.93
C LEU A 296 -2.13 39.77 15.77
N ILE A 297 -3.33 39.21 15.75
CA ILE A 297 -3.78 38.27 14.74
C ILE A 297 -4.82 38.95 13.87
N LYS A 298 -4.56 38.98 12.56
CA LYS A 298 -5.53 39.47 11.58
C LYS A 298 -6.08 38.28 10.82
N LEU A 299 -7.40 38.11 10.88
CA LEU A 299 -8.06 36.97 10.27
C LEU A 299 -8.57 37.32 8.88
N LYS A 300 -9.05 36.30 8.17
CA LYS A 300 -9.50 36.51 6.79
C LYS A 300 -10.80 37.28 6.75
N ASP A 301 -11.75 36.96 7.64
CA ASP A 301 -13.04 37.62 7.63
C ASP A 301 -12.96 39.08 8.10
N GLY A 302 -11.87 39.47 8.75
CA GLY A 302 -11.66 40.84 9.18
C GLY A 302 -11.47 41.02 10.67
N ARG A 303 -11.81 40.02 11.48
CA ARG A 303 -11.66 40.13 12.92
C ARG A 303 -10.19 40.24 13.29
N LYS A 304 -9.91 41.02 14.34
CA LYS A 304 -8.56 41.23 14.83
C LYS A 304 -8.52 40.89 16.31
N VAL A 305 -7.54 40.07 16.71
CA VAL A 305 -7.41 39.59 18.08
C VAL A 305 -6.02 39.92 18.58
N GLU A 306 -5.94 40.49 19.78
CA GLU A 306 -4.68 40.87 20.40
C GLU A 306 -4.40 39.97 21.61
N THR A 307 -3.13 39.61 21.77
CA THR A 307 -2.70 38.77 22.87
C THR A 307 -1.18 38.86 22.99
N ASP A 308 -0.62 38.12 23.94
CA ASP A 308 0.83 38.08 24.14
C ASP A 308 1.41 36.68 24.15
N HIS A 309 0.62 35.64 23.93
CA HIS A 309 1.13 34.30 23.72
C HIS A 309 0.16 33.51 22.87
N ILE A 310 0.70 32.59 22.08
CA ILE A 310 -0.07 31.74 21.18
C ILE A 310 0.27 30.29 21.45
N VAL A 311 -0.74 29.43 21.54
CA VAL A 311 -0.56 27.99 21.60
C VAL A 311 -1.09 27.41 20.29
N ALA A 312 -0.23 26.77 19.52
CA ALA A 312 -0.59 26.19 18.24
C ALA A 312 -0.74 24.68 18.39
N ALA A 313 -1.92 24.17 18.06
CA ALA A 313 -2.19 22.73 18.09
C ALA A 313 -3.05 22.44 16.86
N VAL A 314 -2.39 22.14 15.74
CA VAL A 314 -3.07 22.06 14.46
C VAL A 314 -2.75 20.75 13.74
N GLY A 315 -2.36 19.73 14.49
CA GLY A 315 -2.13 18.41 13.93
C GLY A 315 -0.74 17.90 14.19
N LEU A 316 -0.51 16.68 13.70
CA LEU A 316 0.72 15.95 13.95
C LEU A 316 1.27 15.40 12.63
N GLU A 317 2.58 15.55 12.43
CA GLU A 317 3.24 15.07 11.22
C GLU A 317 4.17 13.92 11.58
N PRO A 318 3.98 12.72 11.04
CA PRO A 318 4.78 11.57 11.46
C PRO A 318 6.26 11.71 11.06
N ASN A 319 7.12 11.10 11.87
CA ASN A 319 8.56 11.11 11.64
C ASN A 319 8.91 9.98 10.69
N VAL A 320 9.18 10.32 9.43
CA VAL A 320 9.45 9.31 8.41
C VAL A 320 10.75 9.64 7.70
N GLU A 321 11.67 10.31 8.39
CA GLU A 321 12.96 10.61 7.77
C GLU A 321 13.85 9.38 7.65
N LEU A 322 13.52 8.31 8.35
CA LEU A 322 14.31 7.09 8.25
C LEU A 322 13.97 6.27 7.02
N ALA A 323 12.86 6.57 6.34
CA ALA A 323 12.47 5.81 5.17
C ALA A 323 13.30 6.16 3.94
N LYS A 324 13.84 7.38 3.88
CA LYS A 324 14.57 7.80 2.69
C LYS A 324 15.85 6.99 2.51
N THR A 325 16.63 6.84 3.57
CA THR A 325 17.88 6.11 3.51
C THR A 325 17.73 4.61 3.74
N GLY A 326 16.55 4.16 4.18
CA GLY A 326 16.31 2.77 4.45
C GLY A 326 15.55 2.01 3.40
N GLY A 327 15.17 2.67 2.30
CA GLY A 327 14.38 2.01 1.28
C GLY A 327 13.02 1.56 1.76
N LEU A 328 12.42 2.31 2.67
CA LEU A 328 11.11 2.00 3.23
C LEU A 328 10.05 2.84 2.54
N GLU A 329 8.87 2.24 2.37
CA GLU A 329 7.81 2.87 1.62
C GLU A 329 6.93 3.72 2.52
N ILE A 330 6.62 4.93 2.08
CA ILE A 330 5.81 5.88 2.83
C ILE A 330 4.41 5.91 2.22
N ASP A 331 3.39 5.80 3.05
CA ASP A 331 2.02 5.87 2.56
C ASP A 331 1.67 7.27 2.09
N SER A 332 0.81 7.34 1.07
CA SER A 332 0.43 8.60 0.44
C SER A 332 -0.89 9.16 0.96
N ASP A 333 -1.90 8.30 1.16
CA ASP A 333 -3.18 8.78 1.65
C ASP A 333 -3.10 9.24 3.10
N PHE A 334 -2.48 8.43 3.95
CA PHE A 334 -2.50 8.65 5.39
C PHE A 334 -1.18 9.17 5.94
N GLY A 335 -0.07 8.88 5.29
CA GLY A 335 1.24 9.22 5.80
C GLY A 335 1.79 8.12 6.68
N GLY A 336 3.09 8.23 6.97
CA GLY A 336 3.75 7.24 7.79
C GLY A 336 4.20 6.03 7.01
N PHE A 337 4.93 5.16 7.71
CA PHE A 337 5.41 3.92 7.11
C PHE A 337 4.24 3.00 6.78
N ARG A 338 4.26 2.43 5.59
CA ARG A 338 3.23 1.50 5.16
C ARG A 338 3.61 0.09 5.59
N VAL A 339 2.79 -0.53 6.42
CA VAL A 339 3.02 -1.87 6.93
C VAL A 339 1.79 -2.71 6.66
N ASN A 340 1.88 -4.00 6.96
CA ASN A 340 0.77 -4.92 6.73
C ASN A 340 -0.03 -5.11 8.02
N ALA A 341 -0.92 -6.10 8.03
CA ALA A 341 -1.72 -6.38 9.21
C ALA A 341 -0.88 -6.86 10.39
N GLU A 342 0.34 -7.32 10.14
CA GLU A 342 1.27 -7.74 11.18
C GLU A 342 2.24 -6.64 11.58
N LEU A 343 2.05 -5.42 11.08
CA LEU A 343 2.88 -4.27 11.41
C LEU A 343 4.34 -4.49 11.01
N GLN A 344 4.55 -5.11 9.85
CA GLN A 344 5.90 -5.41 9.37
C GLN A 344 6.18 -4.68 8.07
N ALA A 345 7.38 -4.12 7.97
CA ALA A 345 7.81 -3.39 6.78
C ALA A 345 8.78 -4.15 5.92
N ARG A 346 9.78 -4.80 6.52
CA ARG A 346 10.76 -5.59 5.79
C ARG A 346 11.01 -6.87 6.57
N SER A 347 12.10 -7.57 6.24
CA SER A 347 12.33 -8.89 6.81
C SER A 347 12.53 -8.83 8.32
N ASN A 348 13.30 -7.86 8.81
CA ASN A 348 13.62 -7.75 10.22
C ASN A 348 13.23 -6.38 10.77
N ILE A 349 12.17 -5.78 10.24
CA ILE A 349 11.78 -4.42 10.60
C ILE A 349 10.28 -4.39 10.85
N TRP A 350 9.88 -3.84 11.99
CA TRP A 350 8.49 -3.60 12.33
C TRP A 350 8.30 -2.12 12.63
N VAL A 351 7.08 -1.64 12.43
CA VAL A 351 6.73 -0.25 12.71
C VAL A 351 5.48 -0.23 13.58
N ALA A 352 5.50 0.59 14.63
CA ALA A 352 4.40 0.65 15.57
C ALA A 352 4.17 2.10 16.00
N GLY A 353 2.96 2.36 16.49
CA GLY A 353 2.63 3.66 17.05
C GLY A 353 1.92 4.61 16.11
N ASP A 354 2.16 5.90 16.28
CA ASP A 354 1.54 6.91 15.43
C ASP A 354 2.11 6.95 14.02
N ALA A 355 3.30 6.41 13.82
CA ALA A 355 3.98 6.47 12.53
C ALA A 355 3.61 5.32 11.60
N ALA A 356 2.76 4.40 12.03
CA ALA A 356 2.43 3.20 11.28
C ALA A 356 1.10 3.37 10.56
N CYS A 357 1.12 3.23 9.25
CA CYS A 357 -0.11 3.16 8.45
C CYS A 357 -0.36 1.69 8.14
N PHE A 358 -1.04 1.01 9.05
CA PHE A 358 -1.23 -0.42 8.97
C PHE A 358 -2.54 -0.76 8.24
N TYR A 359 -2.73 -2.04 7.98
CA TYR A 359 -3.92 -2.54 7.29
C TYR A 359 -4.76 -3.31 8.30
N ASP A 360 -5.89 -2.73 8.69
CA ASP A 360 -6.86 -3.45 9.49
C ASP A 360 -7.68 -4.34 8.57
N ILE A 361 -7.76 -5.63 8.91
CA ILE A 361 -8.47 -6.58 8.05
C ILE A 361 -9.95 -6.22 8.00
N LYS A 362 -10.50 -5.80 9.13
CA LYS A 362 -11.91 -5.50 9.25
C LYS A 362 -12.28 -4.07 8.86
N LEU A 363 -11.31 -3.17 8.74
CA LEU A 363 -11.62 -1.77 8.53
C LEU A 363 -10.74 -1.08 7.49
N GLY A 364 -9.88 -1.79 6.80
CA GLY A 364 -9.04 -1.19 5.78
C GLY A 364 -7.84 -0.46 6.34
N ARG A 365 -7.26 0.41 5.50
CA ARG A 365 -6.06 1.14 5.88
C ARG A 365 -6.40 2.23 6.89
N ARG A 366 -5.58 2.32 7.93
CA ARG A 366 -5.81 3.27 9.02
C ARG A 366 -4.47 3.86 9.45
N ARG A 367 -4.55 4.95 10.20
CA ARG A 367 -3.40 5.41 10.98
C ARG A 367 -3.94 6.12 12.21
N VAL A 368 -3.98 5.41 13.33
CA VAL A 368 -4.52 5.93 14.58
C VAL A 368 -3.37 6.56 15.37
N GLU A 369 -3.65 7.71 15.99
CA GLU A 369 -2.66 8.46 16.76
C GLU A 369 -3.22 8.68 18.16
N HIS A 370 -3.11 7.66 19.01
CA HIS A 370 -3.69 7.72 20.34
C HIS A 370 -2.86 6.87 21.27
N HIS A 371 -2.96 7.17 22.57
CA HIS A 371 -2.13 6.49 23.57
C HIS A 371 -2.44 5.00 23.62
N ASP A 372 -3.72 4.65 23.61
CA ASP A 372 -4.11 3.25 23.67
C ASP A 372 -3.62 2.48 22.45
N HIS A 373 -3.70 3.10 21.27
CA HIS A 373 -3.22 2.43 20.08
C HIS A 373 -1.71 2.26 20.11
N ALA A 374 -0.99 3.25 20.63
CA ALA A 374 0.45 3.10 20.77
C ALA A 374 0.80 1.93 21.68
N VAL A 375 0.11 1.81 22.82
CA VAL A 375 0.36 0.69 23.72
C VAL A 375 0.07 -0.64 23.03
N VAL A 376 -1.10 -0.76 22.40
CA VAL A 376 -1.51 -2.03 21.81
C VAL A 376 -0.62 -2.41 20.64
N SER A 377 -0.30 -1.47 19.76
CA SER A 377 0.53 -1.75 18.60
C SER A 377 1.97 -2.06 18.99
N GLY A 378 2.51 -1.36 19.99
CA GLY A 378 3.82 -1.71 20.49
C GLY A 378 3.85 -3.10 21.08
N ARG A 379 2.80 -3.47 21.82
CA ARG A 379 2.71 -4.82 22.37
C ARG A 379 2.68 -5.87 21.26
N LEU A 380 1.87 -5.65 20.23
CA LEU A 380 1.80 -6.60 19.12
C LEU A 380 3.13 -6.70 18.38
N ALA A 381 3.77 -5.57 18.08
CA ALA A 381 5.03 -5.61 17.35
C ALA A 381 6.12 -6.29 18.16
N GLY A 382 6.13 -6.09 19.48
CA GLY A 382 7.08 -6.80 20.32
C GLY A 382 6.82 -8.29 20.36
N GLU A 383 5.54 -8.70 20.32
CA GLU A 383 5.24 -10.12 20.24
C GLU A 383 5.70 -10.72 18.92
N ASN A 384 5.49 -10.00 17.82
CA ASN A 384 5.82 -10.53 16.50
C ASN A 384 7.31 -10.57 16.23
N MET A 385 8.10 -9.79 16.97
CA MET A 385 9.55 -9.84 16.82
C MET A 385 10.15 -11.10 17.40
N THR A 386 9.40 -11.81 18.25
CA THR A 386 9.88 -13.03 18.89
C THR A 386 9.39 -14.31 18.22
N GLY A 387 8.60 -14.20 17.16
CA GLY A 387 8.26 -15.39 16.39
C GLY A 387 6.79 -15.59 16.05
N ALA A 388 5.89 -14.93 16.75
CA ALA A 388 4.48 -15.05 16.43
C ALA A 388 4.17 -14.30 15.13
N ALA A 389 3.01 -14.61 14.56
CA ALA A 389 2.57 -13.99 13.32
C ALA A 389 1.13 -13.51 13.47
N LYS A 390 0.86 -12.83 14.56
CA LYS A 390 -0.48 -12.34 14.88
C LYS A 390 -0.74 -11.03 14.15
N PRO A 391 -1.84 -10.92 13.41
CA PRO A 391 -2.23 -9.64 12.82
C PRO A 391 -2.92 -8.75 13.85
N TYR A 392 -3.04 -7.47 13.49
CA TYR A 392 -3.77 -6.53 14.33
C TYR A 392 -5.26 -6.88 14.31
N TRP A 393 -5.76 -7.38 15.43
CA TRP A 393 -7.16 -7.74 15.56
C TRP A 393 -7.85 -7.04 16.71
N HIS A 394 -7.15 -6.83 17.82
CA HIS A 394 -7.72 -6.14 18.98
C HIS A 394 -7.80 -4.64 18.70
N GLN A 395 -9.02 -4.09 18.72
CA GLN A 395 -9.19 -2.68 18.46
C GLN A 395 -8.66 -1.84 19.61
N SER A 396 -8.48 -0.55 19.35
CA SER A 396 -8.02 0.41 20.33
C SER A 396 -8.99 1.57 20.42
N MET A 397 -9.24 2.04 21.63
CA MET A 397 -10.18 3.10 21.92
C MET A 397 -9.42 4.39 22.25
N PHE A 398 -10.18 5.46 22.47
CA PHE A 398 -9.61 6.69 22.99
C PHE A 398 -10.67 7.46 23.76
N TRP A 399 -10.23 8.19 24.78
CA TRP A 399 -11.11 8.96 25.64
C TRP A 399 -10.76 10.44 25.54
N SER A 400 -11.66 11.27 26.09
CA SER A 400 -11.41 12.69 26.16
C SER A 400 -12.35 13.31 27.18
N ASP A 401 -11.81 14.21 28.00
CA ASP A 401 -12.59 14.95 28.99
C ASP A 401 -12.44 16.43 28.71
N LEU A 402 -13.55 17.08 28.36
CA LEU A 402 -13.58 18.52 28.09
C LEU A 402 -14.45 19.16 29.17
N GLY A 403 -13.83 19.49 30.30
CA GLY A 403 -14.55 20.00 31.43
C GLY A 403 -15.22 18.88 32.20
N PRO A 404 -16.08 19.25 33.17
CA PRO A 404 -16.77 18.22 33.96
C PRO A 404 -17.99 17.66 33.24
N ASP A 405 -18.67 18.50 32.47
CA ASP A 405 -19.93 18.09 31.85
C ASP A 405 -19.68 17.15 30.69
N VAL A 406 -18.66 17.40 29.88
CA VAL A 406 -18.40 16.63 28.66
C VAL A 406 -17.30 15.61 28.95
N GLY A 407 -17.64 14.34 28.78
CA GLY A 407 -16.65 13.27 28.86
C GLY A 407 -17.10 12.09 28.02
N TYR A 408 -16.24 11.58 27.15
CA TYR A 408 -16.69 10.57 26.19
C TYR A 408 -15.57 9.59 25.88
N GLU A 409 -15.99 8.44 25.34
CA GLU A 409 -15.10 7.41 24.82
C GLU A 409 -15.50 7.09 23.39
N ALA A 410 -14.56 6.55 22.63
CA ALA A 410 -14.83 6.25 21.22
C ALA A 410 -13.98 5.08 20.77
N ILE A 411 -14.47 4.37 19.75
CA ILE A 411 -13.82 3.17 19.25
C ILE A 411 -14.14 3.04 17.77
N GLY A 412 -13.21 2.45 17.03
CA GLY A 412 -13.42 2.20 15.60
C GLY A 412 -13.16 3.42 14.75
N LEU A 413 -13.78 3.41 13.57
CA LEU A 413 -13.73 4.55 12.65
C LEU A 413 -14.73 5.59 13.11
N VAL A 414 -14.24 6.67 13.70
CA VAL A 414 -15.07 7.77 14.16
C VAL A 414 -14.68 9.00 13.34
N ASP A 415 -15.59 9.47 12.50
CA ASP A 415 -15.31 10.60 11.63
C ASP A 415 -16.65 11.19 11.21
N SER A 416 -16.73 12.52 11.21
CA SER A 416 -17.98 13.19 10.86
C SER A 416 -18.36 13.00 9.39
N SER A 417 -17.40 12.62 8.55
CA SER A 417 -17.71 12.41 7.13
C SER A 417 -18.65 11.22 6.95
N LEU A 418 -18.49 10.18 7.75
CA LEU A 418 -19.36 9.02 7.65
C LEU A 418 -20.79 9.37 8.08
N PRO A 419 -21.79 8.75 7.47
CA PRO A 419 -23.17 8.98 7.91
C PRO A 419 -23.37 8.57 9.36
N THR A 420 -24.14 9.36 10.08
CA THR A 420 -24.21 9.29 11.52
C THR A 420 -25.66 9.19 11.99
N VAL A 421 -25.90 8.33 12.99
CA VAL A 421 -27.18 8.24 13.66
C VAL A 421 -26.92 8.30 15.16
N GLY A 422 -27.41 9.36 15.81
CA GLY A 422 -27.20 9.58 17.23
C GLY A 422 -28.50 9.42 18.01
N VAL A 423 -28.42 8.68 19.11
CA VAL A 423 -29.55 8.42 19.98
C VAL A 423 -29.31 9.18 21.28
N PHE A 424 -30.13 10.19 21.52
CA PHE A 424 -29.99 11.05 22.69
C PHE A 424 -31.34 11.06 23.41
N ALA A 425 -31.49 11.96 24.38
CA ALA A 425 -32.80 12.16 25.00
C ALA A 425 -33.85 12.48 23.95
N LYS A 426 -33.48 13.26 22.94
CA LYS A 426 -34.27 13.41 21.71
C LYS A 426 -33.47 12.81 20.57
N ALA A 427 -34.06 11.83 19.87
CA ALA A 427 -33.32 11.06 18.88
C ALA A 427 -33.06 11.87 17.61
N THR A 428 -31.84 12.37 17.47
CA THR A 428 -31.43 13.20 16.34
C THR A 428 -30.46 12.41 15.48
N ALA A 429 -30.88 12.08 14.27
CA ALA A 429 -30.05 11.35 13.32
C ALA A 429 -29.48 12.32 12.30
N GLN A 430 -28.17 12.26 12.10
CA GLN A 430 -27.49 13.20 11.22
C GLN A 430 -27.52 12.67 9.78
N ASP A 431 -27.37 13.60 8.83
CA ASP A 431 -27.47 13.30 7.41
C ASP A 431 -26.15 13.71 6.73
N ASN A 432 -25.28 12.74 6.50
CA ASN A 432 -24.03 12.99 5.80
C ASN A 432 -23.85 12.02 4.64
N GLU A 474 -31.63 20.88 21.34
CA GLU A 474 -32.07 19.88 22.33
C GLU A 474 -30.96 19.59 23.32
N ASP A 475 -31.28 18.83 24.37
CA ASP A 475 -30.30 18.45 25.38
C ASP A 475 -29.61 17.17 24.95
N TYR A 476 -28.28 17.22 24.87
CA TYR A 476 -27.45 16.10 24.46
C TYR A 476 -26.49 15.71 25.57
N GLY A 477 -26.99 15.70 26.81
CA GLY A 477 -26.14 15.37 27.93
C GLY A 477 -25.64 13.93 27.90
N LYS A 478 -26.51 13.00 27.54
CA LYS A 478 -26.15 11.59 27.48
C LYS A 478 -26.72 10.97 26.21
N GLY A 479 -25.95 10.06 25.62
CA GLY A 479 -26.39 9.39 24.41
C GLY A 479 -25.29 8.53 23.83
N VAL A 480 -25.61 7.93 22.69
CA VAL A 480 -24.68 7.09 21.95
C VAL A 480 -24.74 7.49 20.48
N ILE A 481 -23.60 7.46 19.80
CA ILE A 481 -23.49 7.79 18.39
C ILE A 481 -22.92 6.61 17.63
N PHE A 482 -23.55 6.26 16.52
CA PHE A 482 -23.07 5.19 15.64
C PHE A 482 -22.58 5.79 14.33
N TYR A 483 -21.44 5.32 13.86
CA TYR A 483 -20.88 5.76 12.59
C TYR A 483 -20.97 4.61 11.59
N LEU A 484 -21.51 4.89 10.41
CA LEU A 484 -21.87 3.86 9.44
C LEU A 484 -21.05 4.00 8.17
N ARG A 485 -20.65 2.87 7.62
CA ARG A 485 -20.00 2.87 6.31
C ARG A 485 -21.04 2.66 5.20
N ASP A 486 -21.72 1.52 5.22
CA ASP A 486 -22.93 1.32 4.44
C ASP A 486 -23.78 0.29 5.18
N LYS A 487 -24.74 0.78 5.96
CA LYS A 487 -25.63 -0.04 6.77
C LYS A 487 -24.88 -0.92 7.77
N VAL A 488 -23.62 -0.60 8.05
CA VAL A 488 -22.79 -1.39 8.97
C VAL A 488 -22.06 -0.45 9.91
N VAL A 489 -22.01 -0.82 11.19
CA VAL A 489 -21.41 0.04 12.21
C VAL A 489 -19.90 -0.15 12.20
N VAL A 490 -19.17 0.94 12.06
CA VAL A 490 -17.71 0.91 12.07
C VAL A 490 -17.11 1.69 13.23
N GLY A 491 -17.82 2.64 13.82
CA GLY A 491 -17.33 3.36 14.98
C GLY A 491 -18.49 3.82 15.83
N ILE A 492 -18.24 3.87 17.14
CA ILE A 492 -19.25 4.27 18.12
C ILE A 492 -18.63 5.25 19.10
N VAL A 493 -19.32 6.34 19.36
CA VAL A 493 -18.91 7.33 20.35
C VAL A 493 -19.88 7.24 21.52
N LEU A 494 -19.35 7.02 22.72
CA LEU A 494 -20.15 6.91 23.93
C LEU A 494 -20.13 8.25 24.65
N TRP A 495 -21.30 8.87 24.81
CA TRP A 495 -21.39 10.23 25.32
C TRP A 495 -21.89 10.21 26.76
N ASN A 496 -20.98 10.47 27.69
CA ASN A 496 -21.29 10.56 29.12
C ASN A 496 -21.90 9.26 29.66
N ILE A 497 -21.37 8.12 29.22
CA ILE A 497 -21.68 6.82 29.80
C ILE A 497 -20.38 6.06 29.97
N PHE A 498 -20.29 5.29 31.06
CA PHE A 498 -19.06 4.62 31.43
C PHE A 498 -19.31 3.13 31.67
N ASN A 499 -18.23 2.36 31.67
CA ASN A 499 -18.27 0.91 31.81
C ASN A 499 -19.13 0.26 30.73
N ARG A 500 -19.06 0.79 29.51
CA ARG A 500 -19.78 0.22 28.38
C ARG A 500 -18.89 -0.02 27.17
N MET A 501 -17.57 -0.01 27.34
CA MET A 501 -16.67 -0.36 26.25
C MET A 501 -16.88 -1.77 25.72
N PRO A 502 -17.02 -2.81 26.55
CA PRO A 502 -17.17 -4.16 25.98
C PRO A 502 -18.37 -4.33 25.07
N ILE A 503 -19.48 -3.65 25.35
CA ILE A 503 -20.67 -3.78 24.51
C ILE A 503 -20.38 -3.25 23.10
N ALA A 504 -19.82 -2.04 23.01
CA ALA A 504 -19.50 -1.47 21.71
C ALA A 504 -18.41 -2.28 21.00
N ARG A 505 -17.44 -2.79 21.77
CA ARG A 505 -16.39 -3.60 21.18
C ARG A 505 -16.96 -4.87 20.55
N LYS A 506 -17.89 -5.52 21.25
CA LYS A 506 -18.55 -6.71 20.70
C LYS A 506 -19.39 -6.35 19.49
N ILE A 507 -20.08 -5.21 19.52
CA ILE A 507 -20.90 -4.81 18.37
C ILE A 507 -20.03 -4.60 17.14
N ILE A 508 -18.89 -3.92 17.31
CA ILE A 508 -17.99 -3.69 16.18
C ILE A 508 -17.35 -4.99 15.71
N LYS A 509 -17.11 -5.93 16.64
CA LYS A 509 -16.44 -7.17 16.28
C LYS A 509 -17.20 -7.95 15.21
N ASP A 510 -18.52 -8.07 15.37
CA ASP A 510 -19.36 -8.76 14.38
C ASP A 510 -20.15 -7.69 13.62
N GLY A 511 -19.55 -7.18 12.54
CA GLY A 511 -20.14 -6.10 11.79
C GLY A 511 -21.23 -6.54 10.83
N GLU A 512 -22.36 -6.96 11.36
CA GLU A 512 -23.48 -7.38 10.53
C GLU A 512 -24.40 -6.19 10.26
N GLN A 513 -25.13 -6.27 9.15
CA GLN A 513 -26.00 -5.19 8.73
C GLN A 513 -27.16 -5.01 9.70
N HIS A 514 -27.55 -3.76 9.93
CA HIS A 514 -28.67 -3.42 10.79
C HIS A 514 -29.67 -2.58 10.00
N GLU A 515 -30.95 -2.91 10.16
CA GLU A 515 -32.00 -2.16 9.47
C GLU A 515 -32.02 -0.71 9.94
N ASP A 516 -32.01 -0.51 11.24
CA ASP A 516 -31.91 0.83 11.83
C ASP A 516 -30.99 0.75 13.03
N LEU A 517 -30.35 1.87 13.36
CA LEU A 517 -29.44 1.89 14.48
C LEU A 517 -30.17 1.83 15.82
N ASN A 518 -31.45 2.17 15.84
CA ASN A 518 -32.24 1.99 17.05
C ASN A 518 -32.49 0.49 17.25
N GLU A 519 -32.93 0.15 18.47
CA GLU A 519 -33.10 -1.23 18.94
C GLU A 519 -31.73 -1.87 19.17
N VAL A 520 -30.68 -1.20 18.72
CA VAL A 520 -29.31 -1.55 19.06
C VAL A 520 -28.79 -0.65 20.18
N ALA A 521 -29.20 0.62 20.16
CA ALA A 521 -28.89 1.52 21.28
C ALA A 521 -29.56 1.08 22.57
N LYS A 522 -30.55 0.18 22.50
CA LYS A 522 -31.16 -0.36 23.70
C LYS A 522 -30.17 -1.16 24.52
N LEU A 523 -29.13 -1.71 23.90
CA LEU A 523 -28.13 -2.46 24.64
C LEU A 523 -27.43 -1.58 25.66
N PHE A 524 -27.11 -0.35 25.27
CA PHE A 524 -26.62 0.65 26.21
C PHE A 524 -27.78 1.19 27.04
N ASN A 525 -27.54 1.41 28.33
CA ASN A 525 -28.58 1.89 29.23
C ASN A 525 -28.74 3.40 29.03
N ILE A 526 -29.53 3.75 28.02
CA ILE A 526 -29.83 5.15 27.73
C ILE A 526 -30.77 5.71 28.79
N ALA B 44 -3.79 -35.99 -3.37
CA ALA B 44 -3.24 -34.79 -2.75
C ALA B 44 -2.66 -35.08 -1.36
N PRO B 45 -1.40 -34.73 -1.15
CA PRO B 45 -0.81 -34.87 0.18
C PRO B 45 -1.45 -33.91 1.16
N SER B 46 -1.49 -34.32 2.42
CA SER B 46 -2.16 -33.53 3.46
C SER B 46 -1.29 -32.42 4.01
N HIS B 47 0.01 -32.41 3.72
CA HIS B 47 0.89 -31.35 4.19
C HIS B 47 2.13 -31.31 3.30
N VAL B 48 2.52 -30.12 2.88
CA VAL B 48 3.70 -29.97 2.03
C VAL B 48 4.53 -28.78 2.52
N PRO B 49 5.86 -28.90 2.54
CA PRO B 49 6.70 -27.76 2.94
C PRO B 49 6.52 -26.51 2.09
N PHE B 50 6.34 -26.66 0.79
CA PHE B 50 6.21 -25.53 -0.14
C PHE B 50 4.97 -25.72 -0.98
N LEU B 51 4.13 -24.70 -1.04
CA LEU B 51 2.93 -24.71 -1.87
C LEU B 51 3.02 -23.61 -2.91
N LEU B 52 2.65 -23.94 -4.14
CA LEU B 52 2.69 -23.02 -5.27
C LEU B 52 1.32 -23.00 -5.92
N ILE B 53 0.55 -21.95 -5.69
CA ILE B 53 -0.81 -21.84 -6.22
C ILE B 53 -0.75 -21.28 -7.64
N GLY B 54 -1.35 -21.99 -8.59
CA GLY B 54 -1.31 -21.58 -9.97
C GLY B 54 -0.13 -22.18 -10.70
N GLY B 55 -0.37 -22.80 -11.85
CA GLY B 55 0.73 -23.37 -12.61
C GLY B 55 1.04 -22.60 -13.87
N GLY B 56 2.10 -21.81 -13.84
CA GLY B 56 2.44 -20.95 -14.95
C GLY B 56 3.91 -20.67 -14.98
N THR B 57 4.27 -19.49 -15.45
CA THR B 57 5.67 -19.12 -15.54
C THR B 57 6.29 -18.91 -14.17
N ALA B 58 5.61 -18.12 -13.32
CA ALA B 58 6.17 -17.76 -12.02
C ALA B 58 6.30 -18.98 -11.12
N ALA B 59 5.29 -19.85 -11.12
CA ALA B 59 5.34 -21.03 -10.27
C ALA B 59 6.49 -21.96 -10.65
N PHE B 60 6.70 -22.18 -11.95
CA PHE B 60 7.80 -23.03 -12.38
C PHE B 60 9.14 -22.41 -12.04
N ALA B 61 9.30 -21.10 -12.24
CA ALA B 61 10.56 -20.46 -11.87
C ALA B 61 10.83 -20.57 -10.38
N ALA B 62 9.79 -20.38 -9.56
CA ALA B 62 9.94 -20.51 -8.12
C ALA B 62 10.31 -21.93 -7.71
N ALA B 63 9.70 -22.93 -8.36
CA ALA B 63 10.04 -24.31 -8.05
C ALA B 63 11.50 -24.60 -8.37
N ARG B 64 11.99 -24.08 -9.50
CA ARG B 64 13.41 -24.29 -9.81
C ARG B 64 14.32 -23.60 -8.81
N SER B 65 14.00 -22.39 -8.38
CA SER B 65 14.83 -21.72 -7.38
C SER B 65 14.82 -22.46 -6.04
N ILE B 66 13.64 -22.91 -5.60
CA ILE B 66 13.54 -23.64 -4.35
C ILE B 66 14.36 -24.91 -4.41
N ARG B 67 14.29 -25.63 -5.53
CA ARG B 67 15.08 -26.84 -5.67
C ARG B 67 16.57 -26.54 -5.68
N ALA B 68 16.98 -25.45 -6.35
CA ALA B 68 18.41 -25.12 -6.44
C ALA B 68 18.98 -24.77 -5.07
N ARG B 69 18.27 -23.92 -4.32
CA ARG B 69 18.83 -23.45 -3.05
C ARG B 69 18.77 -24.53 -1.97
N ASP B 70 17.66 -25.27 -1.90
CA ASP B 70 17.45 -26.26 -0.85
C ASP B 70 17.31 -27.62 -1.51
N PRO B 71 18.41 -28.33 -1.73
CA PRO B 71 18.32 -29.68 -2.28
C PRO B 71 17.54 -30.59 -1.35
N GLY B 72 16.73 -31.46 -1.93
CA GLY B 72 15.84 -32.27 -1.12
C GLY B 72 14.54 -31.59 -0.74
N ALA B 73 14.27 -30.41 -1.30
CA ALA B 73 12.99 -29.76 -1.06
C ALA B 73 11.87 -30.50 -1.78
N ARG B 74 10.68 -30.45 -1.19
CA ARG B 74 9.51 -31.12 -1.73
C ARG B 74 8.46 -30.07 -2.05
N VAL B 75 8.25 -29.81 -3.34
CA VAL B 75 7.42 -28.71 -3.82
C VAL B 75 6.18 -29.28 -4.47
N LEU B 76 5.03 -28.67 -4.18
CA LEU B 76 3.76 -29.00 -4.83
C LEU B 76 3.27 -27.79 -5.63
N ILE B 77 2.76 -28.04 -6.83
CA ILE B 77 2.15 -27.01 -7.67
C ILE B 77 0.71 -27.40 -7.92
N VAL B 78 -0.22 -26.55 -7.51
CA VAL B 78 -1.64 -26.76 -7.74
C VAL B 78 -2.06 -25.84 -8.88
N SER B 79 -2.48 -26.45 -10.00
CA SER B 79 -2.78 -25.71 -11.21
C SER B 79 -4.22 -25.94 -11.63
N GLU B 80 -4.91 -24.85 -12.01
CA GLU B 80 -6.28 -24.98 -12.47
C GLU B 80 -6.34 -25.53 -13.90
N ASP B 81 -5.35 -25.18 -14.72
CA ASP B 81 -5.27 -25.74 -16.06
C ASP B 81 -4.98 -27.24 -15.99
N PRO B 82 -5.53 -28.03 -16.92
CA PRO B 82 -5.18 -29.46 -16.98
C PRO B 82 -3.85 -29.76 -17.66
N GLU B 83 -3.00 -28.75 -17.84
CA GLU B 83 -1.73 -28.90 -18.53
C GLU B 83 -0.57 -28.64 -17.59
N LEU B 84 0.58 -29.23 -17.93
CA LEU B 84 1.82 -28.88 -17.25
C LEU B 84 2.19 -27.44 -17.60
N PRO B 85 3.03 -26.80 -16.80
CA PRO B 85 3.40 -25.41 -17.10
C PRO B 85 4.00 -25.27 -18.48
N TYR B 86 3.62 -24.21 -19.17
CA TYR B 86 4.11 -23.93 -20.51
C TYR B 86 4.25 -22.42 -20.68
N MET B 87 4.99 -22.01 -21.70
CA MET B 87 5.19 -20.60 -21.99
C MET B 87 4.18 -20.15 -23.04
N ARG B 88 3.54 -19.02 -22.77
CA ARG B 88 2.55 -18.39 -23.64
C ARG B 88 3.11 -17.63 -24.84
N PRO B 89 4.30 -17.03 -24.78
CA PRO B 89 4.76 -16.21 -25.92
C PRO B 89 4.71 -16.93 -27.26
N PRO B 90 5.04 -18.22 -27.33
CA PRO B 90 4.91 -18.90 -28.64
C PRO B 90 3.48 -18.96 -29.17
N LEU B 91 2.46 -18.85 -28.32
CA LEU B 91 1.08 -18.97 -28.76
C LEU B 91 0.63 -17.81 -29.65
N SER B 92 1.41 -16.74 -29.73
CA SER B 92 1.05 -15.59 -30.54
C SER B 92 1.96 -15.38 -31.73
N LYS B 93 3.23 -15.80 -31.68
CA LYS B 93 4.14 -15.62 -32.80
C LYS B 93 4.66 -16.93 -33.37
N GLU B 94 5.37 -17.75 -32.58
CA GLU B 94 6.19 -18.81 -33.17
C GLU B 94 5.33 -19.95 -33.72
N LEU B 95 4.27 -20.32 -33.01
CA LEU B 95 3.44 -21.44 -33.46
C LEU B 95 2.65 -21.09 -34.71
N TRP B 96 2.52 -19.80 -35.04
CA TRP B 96 1.78 -19.37 -36.22
C TRP B 96 2.63 -19.36 -37.47
N PHE B 97 3.94 -19.16 -37.33
CA PHE B 97 4.84 -19.11 -38.47
C PHE B 97 5.54 -20.44 -38.72
N SER B 98 5.15 -21.49 -37.99
CA SER B 98 5.75 -22.80 -38.17
C SER B 98 5.34 -23.40 -39.51
N ASP B 99 6.31 -24.01 -40.19
CA ASP B 99 6.02 -24.66 -41.47
C ASP B 99 5.36 -26.01 -41.31
N ASP B 100 5.54 -26.67 -40.16
CA ASP B 100 4.95 -27.98 -39.94
C ASP B 100 3.43 -27.88 -39.94
N PRO B 101 2.73 -28.69 -40.73
CA PRO B 101 1.26 -28.60 -40.74
C PRO B 101 0.62 -28.95 -39.41
N ASN B 102 0.94 -30.11 -38.84
CA ASN B 102 0.30 -30.55 -37.60
C ASN B 102 1.05 -30.02 -36.38
N VAL B 103 1.00 -28.68 -36.26
CA VAL B 103 1.62 -28.02 -35.11
C VAL B 103 0.66 -27.89 -33.93
N THR B 104 -0.64 -27.74 -34.20
CA THR B 104 -1.60 -27.63 -33.10
C THR B 104 -1.62 -28.87 -32.22
N LYS B 105 -1.25 -30.02 -32.77
CA LYS B 105 -1.15 -31.24 -31.98
C LYS B 105 0.24 -31.47 -31.40
N THR B 106 1.28 -30.95 -32.04
CA THR B 106 2.67 -31.19 -31.64
C THR B 106 3.20 -30.11 -30.71
N LEU B 107 2.97 -28.84 -31.03
CA LEU B 107 3.37 -27.70 -30.20
C LEU B 107 4.89 -27.64 -30.02
N ARG B 108 5.58 -27.62 -31.16
CA ARG B 108 7.03 -27.45 -31.18
C ARG B 108 7.41 -26.40 -32.20
N PHE B 109 8.51 -25.69 -31.93
CA PHE B 109 8.87 -24.52 -32.70
C PHE B 109 10.37 -24.33 -32.66
N LYS B 110 10.89 -23.55 -33.61
CA LYS B 110 12.31 -23.24 -33.68
C LYS B 110 12.62 -22.00 -32.84
N GLN B 111 13.83 -21.98 -32.30
CA GLN B 111 14.24 -20.98 -31.32
C GLN B 111 15.09 -19.89 -31.97
N TRP B 112 15.68 -19.04 -31.14
CA TRP B 112 16.61 -18.00 -31.60
C TRP B 112 17.73 -18.62 -32.42
N ASN B 113 18.29 -19.73 -31.96
CA ASN B 113 19.30 -20.45 -32.73
C ASN B 113 18.69 -21.24 -33.87
N GLY B 114 17.47 -21.76 -33.68
CA GLY B 114 16.83 -22.61 -34.66
C GLY B 114 16.64 -24.05 -34.24
N LYS B 115 16.95 -24.40 -33.00
CA LYS B 115 16.79 -25.76 -32.52
C LYS B 115 15.37 -25.95 -31.98
N GLU B 116 14.69 -26.98 -32.45
CA GLU B 116 13.29 -27.18 -32.12
C GLU B 116 13.11 -27.51 -30.64
N ARG B 117 12.10 -26.90 -30.03
CA ARG B 117 11.78 -27.15 -28.63
C ARG B 117 10.27 -27.07 -28.45
N SER B 118 9.81 -27.53 -27.30
CA SER B 118 8.40 -27.53 -26.95
C SER B 118 8.06 -26.31 -26.10
N ILE B 119 6.77 -25.96 -26.08
CA ILE B 119 6.30 -24.89 -25.21
C ILE B 119 6.41 -25.30 -23.74
N TYR B 120 6.20 -26.58 -23.45
CA TYR B 120 6.27 -27.03 -22.06
C TYR B 120 7.67 -26.81 -21.49
N PHE B 121 7.71 -26.34 -20.24
CA PHE B 121 8.99 -26.04 -19.61
C PHE B 121 9.83 -27.30 -19.42
N GLN B 122 9.20 -28.39 -19.02
CA GLN B 122 9.88 -29.67 -18.80
C GLN B 122 8.99 -30.81 -19.28
N PRO B 123 9.58 -31.91 -19.71
CA PRO B 123 8.79 -33.09 -20.08
C PRO B 123 8.13 -33.71 -18.86
N PRO B 124 7.06 -34.48 -19.05
CA PRO B 124 6.32 -35.02 -17.88
C PRO B 124 7.16 -35.94 -17.00
N SER B 125 8.25 -36.52 -17.52
CA SER B 125 9.11 -37.36 -16.71
C SER B 125 9.85 -36.58 -15.63
N PHE B 126 9.94 -35.25 -15.77
CA PHE B 126 10.61 -34.44 -14.78
C PHE B 126 9.83 -34.40 -13.47
N TYR B 127 8.51 -34.32 -13.55
CA TYR B 127 7.67 -34.15 -12.36
C TYR B 127 7.31 -35.49 -11.73
N VAL B 128 7.37 -35.55 -10.40
CA VAL B 128 6.99 -36.75 -9.67
C VAL B 128 5.50 -36.69 -9.36
N SER B 129 4.94 -37.84 -8.99
CA SER B 129 3.53 -37.89 -8.62
C SER B 129 3.31 -37.26 -7.26
N ALA B 130 2.12 -36.68 -7.08
CA ALA B 130 1.81 -35.98 -5.83
C ALA B 130 1.81 -36.95 -4.64
N GLN B 131 1.26 -38.15 -4.83
CA GLN B 131 1.30 -39.16 -3.77
C GLN B 131 2.73 -39.61 -3.50
N ASP B 132 3.56 -39.69 -4.53
CA ASP B 132 4.94 -40.10 -4.39
C ASP B 132 5.78 -39.00 -3.72
N LEU B 133 5.31 -37.75 -3.78
CA LEU B 133 6.14 -36.62 -3.35
C LEU B 133 6.64 -36.73 -1.91
N PRO B 134 5.81 -37.01 -0.91
CA PRO B 134 6.33 -37.11 0.46
C PRO B 134 7.09 -38.38 0.77
N HIS B 135 7.37 -39.22 -0.23
CA HIS B 135 8.06 -40.48 -0.04
C HIS B 135 9.30 -40.65 -0.90
N ILE B 136 9.40 -39.93 -2.02
CA ILE B 136 10.52 -40.12 -2.93
C ILE B 136 11.79 -39.55 -2.29
N GLU B 137 12.94 -40.05 -2.75
CA GLU B 137 14.22 -39.58 -2.24
C GLU B 137 14.53 -38.17 -2.73
N ASN B 138 15.16 -37.39 -1.86
CA ASN B 138 15.57 -36.00 -2.08
C ASN B 138 14.52 -35.14 -2.77
N GLY B 139 13.26 -35.41 -2.51
CA GLY B 139 12.19 -34.53 -2.96
C GLY B 139 12.04 -34.51 -4.48
N GLY B 140 11.62 -33.36 -4.99
CA GLY B 140 11.28 -33.19 -6.39
C GLY B 140 9.99 -32.40 -6.50
N VAL B 141 9.75 -31.85 -7.69
CA VAL B 141 8.54 -31.07 -7.93
C VAL B 141 7.41 -32.01 -8.36
N ALA B 142 6.22 -31.78 -7.81
CA ALA B 142 5.01 -32.46 -8.23
C ALA B 142 3.97 -31.43 -8.63
N VAL B 143 3.13 -31.78 -9.60
CA VAL B 143 2.12 -30.89 -10.13
C VAL B 143 0.76 -31.54 -9.97
N LEU B 144 -0.20 -30.80 -9.42
CA LEU B 144 -1.58 -31.26 -9.24
C LEU B 144 -2.45 -30.48 -10.21
N THR B 145 -2.74 -31.08 -11.36
CA THR B 145 -3.49 -30.40 -12.42
C THR B 145 -4.98 -30.63 -12.28
N GLY B 146 -5.76 -29.69 -12.81
CA GLY B 146 -7.20 -29.76 -12.73
C GLY B 146 -7.77 -29.41 -11.39
N LYS B 147 -7.00 -28.74 -10.53
CA LYS B 147 -7.42 -28.41 -9.17
C LYS B 147 -7.37 -26.91 -8.96
N LYS B 148 -8.37 -26.39 -8.26
CA LYS B 148 -8.51 -24.96 -8.00
C LYS B 148 -8.55 -24.71 -6.50
N VAL B 149 -7.68 -23.83 -6.04
CA VAL B 149 -7.71 -23.37 -4.64
C VAL B 149 -8.80 -22.33 -4.51
N VAL B 150 -9.80 -22.60 -3.67
CA VAL B 150 -10.94 -21.73 -3.54
C VAL B 150 -11.01 -21.02 -2.20
N GLN B 151 -10.22 -21.44 -1.21
CA GLN B 151 -10.22 -20.83 0.11
C GLN B 151 -8.79 -20.79 0.63
N LEU B 152 -8.49 -19.76 1.42
CA LEU B 152 -7.13 -19.53 1.92
C LEU B 152 -7.23 -19.03 3.37
N ASP B 153 -6.92 -19.90 4.32
CA ASP B 153 -6.91 -19.55 5.74
C ASP B 153 -5.48 -19.23 6.14
N VAL B 154 -5.15 -17.94 6.23
CA VAL B 154 -3.77 -17.54 6.50
C VAL B 154 -3.35 -17.96 7.90
N ARG B 155 -4.22 -17.74 8.89
CA ARG B 155 -3.88 -18.06 10.27
C ARG B 155 -3.67 -19.56 10.47
N ASP B 156 -4.56 -20.37 9.89
CA ASP B 156 -4.46 -21.82 10.00
C ASP B 156 -3.36 -22.41 9.14
N ASN B 157 -2.75 -21.62 8.25
CA ASN B 157 -1.78 -22.11 7.28
C ASN B 157 -2.36 -23.23 6.44
N MET B 158 -3.57 -23.01 5.94
CA MET B 158 -4.30 -24.03 5.22
C MET B 158 -4.97 -23.42 4.00
N VAL B 159 -5.17 -24.25 2.97
CA VAL B 159 -5.97 -23.90 1.79
C VAL B 159 -6.96 -25.03 1.54
N LYS B 160 -8.02 -24.71 0.82
CA LYS B 160 -9.06 -25.68 0.48
C LYS B 160 -9.20 -25.75 -1.03
N LEU B 161 -9.12 -26.96 -1.58
CA LEU B 161 -9.27 -27.17 -3.00
C LEU B 161 -10.74 -27.20 -3.40
N ASN B 162 -10.99 -27.18 -4.71
CA ASN B 162 -12.36 -27.14 -5.20
C ASN B 162 -13.09 -28.46 -4.92
N ASP B 163 -12.37 -29.58 -4.94
CA ASP B 163 -12.98 -30.87 -4.70
C ASP B 163 -13.22 -31.17 -3.24
N GLY B 164 -12.72 -30.33 -2.33
CA GLY B 164 -12.92 -30.50 -0.90
C GLY B 164 -11.68 -30.87 -0.13
N SER B 165 -10.60 -31.24 -0.81
CA SER B 165 -9.36 -31.58 -0.12
C SER B 165 -8.73 -30.34 0.50
N GLN B 166 -8.13 -30.51 1.68
CA GLN B 166 -7.50 -29.42 2.42
C GLN B 166 -6.01 -29.70 2.54
N ILE B 167 -5.19 -28.71 2.18
CA ILE B 167 -3.75 -28.85 2.18
C ILE B 167 -3.15 -27.82 3.13
N THR B 168 -2.35 -28.28 4.08
CA THR B 168 -1.63 -27.43 5.01
C THR B 168 -0.21 -27.22 4.49
N TYR B 169 0.32 -26.02 4.67
CA TYR B 169 1.63 -25.66 4.12
C TYR B 169 2.51 -25.02 5.19
N GLU B 170 3.80 -24.94 4.88
CA GLU B 170 4.75 -24.15 5.64
C GLU B 170 5.07 -22.82 4.99
N LYS B 171 5.29 -22.82 3.68
CA LYS B 171 5.50 -21.62 2.88
C LYS B 171 4.59 -21.68 1.68
N CYS B 172 4.03 -20.54 1.28
CA CYS B 172 3.08 -20.48 0.19
C CYS B 172 3.44 -19.36 -0.78
N LEU B 173 3.27 -19.63 -2.07
CA LEU B 173 3.40 -18.63 -3.12
C LEU B 173 2.08 -18.57 -3.89
N ILE B 174 1.56 -17.36 -4.08
CA ILE B 174 0.38 -17.14 -4.91
C ILE B 174 0.88 -16.61 -6.25
N ALA B 175 0.81 -17.45 -7.28
CA ALA B 175 1.22 -17.07 -8.62
C ALA B 175 0.07 -17.24 -9.61
N THR B 176 -1.14 -16.94 -9.15
CA THR B 176 -2.28 -16.84 -10.04
C THR B 176 -2.11 -15.66 -10.96
N GLY B 177 -2.43 -15.83 -12.24
CA GLY B 177 -2.13 -14.79 -13.20
C GLY B 177 -3.25 -13.80 -13.37
N GLY B 178 -3.76 -13.69 -14.59
CA GLY B 178 -4.91 -12.86 -14.87
C GLY B 178 -5.84 -13.57 -15.84
N THR B 179 -6.99 -12.94 -16.07
CA THR B 179 -7.96 -13.44 -17.01
C THR B 179 -8.35 -12.34 -17.99
N PRO B 180 -8.67 -12.69 -19.24
CA PRO B 180 -9.02 -11.65 -20.22
C PRO B 180 -10.29 -10.92 -19.83
N ARG B 181 -10.32 -9.62 -20.12
CA ARG B 181 -11.49 -8.81 -19.88
C ARG B 181 -12.47 -8.94 -21.04
N SER B 182 -13.76 -8.96 -20.72
CA SER B 182 -14.79 -9.02 -21.74
C SER B 182 -15.25 -7.63 -22.12
N LEU B 183 -15.86 -7.53 -23.30
CA LEU B 183 -16.39 -6.26 -23.79
C LEU B 183 -17.81 -6.05 -23.29
N SER B 184 -18.14 -4.80 -22.98
CA SER B 184 -19.47 -4.49 -22.47
C SER B 184 -20.54 -4.78 -23.52
N ALA B 185 -20.31 -4.33 -24.76
CA ALA B 185 -21.27 -4.57 -25.83
C ALA B 185 -21.42 -6.06 -26.12
N ILE B 186 -20.32 -6.80 -26.06
CA ILE B 186 -20.37 -8.24 -26.29
C ILE B 186 -21.20 -8.91 -25.19
N ASP B 187 -20.98 -8.50 -23.94
CA ASP B 187 -21.73 -9.08 -22.82
C ASP B 187 -23.21 -8.75 -22.93
N ARG B 188 -23.54 -7.53 -23.35
CA ARG B 188 -24.92 -7.10 -23.45
C ARG B 188 -25.66 -7.76 -24.59
N ALA B 189 -24.95 -8.42 -25.50
CA ALA B 189 -25.58 -9.09 -26.63
C ALA B 189 -26.10 -10.47 -26.20
N GLY B 190 -26.54 -11.27 -27.16
CA GLY B 190 -27.13 -12.56 -26.88
C GLY B 190 -26.10 -13.67 -26.77
N ALA B 191 -26.61 -14.90 -26.69
CA ALA B 191 -25.74 -16.05 -26.54
C ALA B 191 -24.98 -16.36 -27.82
N GLU B 192 -25.64 -16.21 -28.98
CA GLU B 192 -24.97 -16.52 -30.24
C GLU B 192 -23.82 -15.55 -30.53
N VAL B 193 -23.96 -14.29 -30.12
CA VAL B 193 -22.85 -13.35 -30.28
C VAL B 193 -21.67 -13.76 -29.41
N LYS B 194 -21.93 -14.17 -28.18
CA LYS B 194 -20.84 -14.64 -27.31
C LYS B 194 -20.21 -15.92 -27.84
N SER B 195 -20.99 -16.74 -28.54
CA SER B 195 -20.44 -17.98 -29.09
C SER B 195 -19.43 -17.70 -30.20
N ARG B 196 -19.61 -16.60 -30.92
CA ARG B 196 -18.70 -16.23 -32.00
C ARG B 196 -17.60 -15.28 -31.55
N THR B 197 -17.46 -15.06 -30.24
CA THR B 197 -16.39 -14.24 -29.67
C THR B 197 -15.32 -15.14 -29.07
N THR B 198 -14.08 -14.65 -29.09
CA THR B 198 -12.94 -15.39 -28.56
C THR B 198 -12.15 -14.52 -27.60
N LEU B 199 -11.75 -15.11 -26.47
CA LEU B 199 -10.78 -14.53 -25.55
C LEU B 199 -9.53 -15.39 -25.58
N PHE B 200 -8.38 -14.78 -25.85
CA PHE B 200 -7.19 -15.50 -26.26
C PHE B 200 -6.16 -15.53 -25.12
N ARG B 201 -6.21 -16.57 -24.30
CA ARG B 201 -5.19 -16.77 -23.26
C ARG B 201 -4.48 -18.11 -23.36
N LYS B 202 -5.21 -19.22 -23.52
CA LYS B 202 -4.66 -20.55 -23.33
C LYS B 202 -4.39 -21.24 -24.67
N ILE B 203 -3.97 -22.52 -24.57
CA ILE B 203 -3.69 -23.32 -25.76
C ILE B 203 -4.96 -23.63 -26.53
N GLY B 204 -6.05 -23.93 -25.81
CA GLY B 204 -7.31 -24.19 -26.47
C GLY B 204 -7.77 -23.03 -27.31
N ASP B 205 -7.53 -21.81 -26.84
CA ASP B 205 -7.82 -20.62 -27.64
C ASP B 205 -6.99 -20.61 -28.92
N PHE B 206 -5.72 -20.98 -28.83
CA PHE B 206 -4.86 -20.97 -30.01
C PHE B 206 -5.36 -21.97 -31.05
N ARG B 207 -5.69 -23.18 -30.61
CA ARG B 207 -6.18 -24.20 -31.53
C ARG B 207 -7.52 -23.81 -32.14
N SER B 208 -8.45 -23.31 -31.32
CA SER B 208 -9.75 -22.91 -31.83
C SER B 208 -9.63 -21.77 -32.82
N LEU B 209 -8.79 -20.77 -32.52
CA LEU B 209 -8.62 -19.64 -33.41
C LEU B 209 -7.96 -20.06 -34.72
N GLU B 210 -7.00 -20.99 -34.66
CA GLU B 210 -6.37 -21.47 -35.88
C GLU B 210 -7.38 -22.17 -36.77
N LYS B 211 -8.20 -23.04 -36.18
CA LYS B 211 -9.23 -23.73 -36.98
C LYS B 211 -10.23 -22.74 -37.55
N ILE B 212 -10.65 -21.75 -36.76
CA ILE B 212 -11.60 -20.74 -37.23
C ILE B 212 -11.00 -19.97 -38.40
N SER B 213 -9.75 -19.53 -38.26
CA SER B 213 -9.11 -18.79 -39.35
C SER B 213 -9.00 -19.63 -40.61
N ARG B 214 -8.83 -20.95 -40.45
CA ARG B 214 -8.81 -21.82 -41.62
C ARG B 214 -10.19 -21.96 -42.24
N GLU B 215 -11.26 -21.90 -41.44
CA GLU B 215 -12.59 -22.26 -41.95
C GLU B 215 -13.55 -21.10 -42.20
N VAL B 216 -13.25 -19.89 -41.72
CA VAL B 216 -14.16 -18.76 -41.90
C VAL B 216 -13.55 -17.76 -42.89
N LYS B 217 -14.34 -16.76 -43.26
CA LYS B 217 -13.98 -15.82 -44.31
C LYS B 217 -13.44 -14.49 -43.81
N SER B 218 -13.83 -14.05 -42.61
CA SER B 218 -13.33 -12.78 -42.09
C SER B 218 -13.38 -12.79 -40.57
N ILE B 219 -12.31 -12.29 -39.96
CA ILE B 219 -12.17 -12.21 -38.50
C ILE B 219 -11.89 -10.77 -38.11
N THR B 220 -12.46 -10.34 -36.99
CA THR B 220 -12.28 -8.99 -36.47
C THR B 220 -11.49 -9.05 -35.17
N ILE B 221 -10.49 -8.20 -35.05
CA ILE B 221 -9.76 -8.01 -33.80
C ILE B 221 -10.22 -6.69 -33.20
N ILE B 222 -10.62 -6.73 -31.93
CA ILE B 222 -10.93 -5.53 -31.16
C ILE B 222 -9.88 -5.39 -30.07
N GLY B 223 -9.20 -4.25 -30.07
CA GLY B 223 -8.08 -4.03 -29.17
C GLY B 223 -6.81 -3.79 -29.94
N GLY B 224 -5.97 -2.89 -29.44
CA GLY B 224 -4.75 -2.52 -30.14
C GLY B 224 -3.52 -2.58 -29.27
N GLY B 225 -3.58 -3.36 -28.19
CA GLY B 225 -2.44 -3.55 -27.31
C GLY B 225 -1.44 -4.55 -27.86
N PHE B 226 -0.78 -5.26 -26.95
CA PHE B 226 0.19 -6.28 -27.36
C PHE B 226 -0.49 -7.44 -28.07
N LEU B 227 -1.42 -8.10 -27.37
CA LEU B 227 -2.02 -9.33 -27.88
C LEU B 227 -2.82 -9.07 -29.14
N GLY B 228 -3.61 -8.00 -29.16
CA GLY B 228 -4.41 -7.70 -30.35
C GLY B 228 -3.54 -7.45 -31.56
N SER B 229 -2.47 -6.68 -31.40
CA SER B 229 -1.59 -6.37 -32.51
C SER B 229 -0.87 -7.62 -33.02
N GLU B 230 -0.38 -8.46 -32.12
CA GLU B 230 0.31 -9.67 -32.54
C GLU B 230 -0.64 -10.64 -33.24
N LEU B 231 -1.85 -10.79 -32.72
CA LEU B 231 -2.83 -11.63 -33.40
C LEU B 231 -3.18 -11.07 -34.77
N ALA B 232 -3.30 -9.74 -34.89
CA ALA B 232 -3.59 -9.15 -36.18
C ALA B 232 -2.49 -9.46 -37.18
N CYS B 233 -1.22 -9.31 -36.77
CA CYS B 233 -0.12 -9.62 -37.68
C CYS B 233 -0.12 -11.10 -38.08
N ALA B 234 -0.29 -12.00 -37.12
CA ALA B 234 -0.25 -13.43 -37.43
C ALA B 234 -1.41 -13.82 -38.34
N LEU B 235 -2.61 -13.33 -38.05
CA LEU B 235 -3.77 -13.67 -38.87
C LEU B 235 -3.67 -13.07 -40.26
N GLY B 236 -3.10 -11.86 -40.38
CA GLY B 236 -2.86 -11.30 -41.69
C GLY B 236 -1.87 -12.11 -42.50
N ARG B 237 -0.80 -12.58 -41.84
CA ARG B 237 0.15 -13.44 -42.53
C ARG B 237 -0.52 -14.73 -43.01
N LYS B 238 -1.36 -15.33 -42.19
CA LYS B 238 -2.04 -16.56 -42.61
C LYS B 238 -3.05 -16.29 -43.72
N ALA B 239 -3.73 -15.13 -43.68
CA ALA B 239 -4.75 -14.81 -44.66
C ALA B 239 -4.18 -14.30 -45.97
N ARG B 240 -2.91 -13.91 -45.99
CA ARG B 240 -2.29 -13.45 -47.23
C ARG B 240 -2.34 -14.54 -48.31
N ALA B 241 -2.25 -15.81 -47.91
CA ALA B 241 -2.20 -16.89 -48.90
C ALA B 241 -3.56 -17.06 -49.58
N LEU B 242 -4.59 -17.40 -48.80
CA LEU B 242 -5.91 -17.61 -49.38
C LEU B 242 -6.53 -16.31 -49.85
N GLY B 243 -6.31 -15.22 -49.12
CA GLY B 243 -6.86 -13.94 -49.46
C GLY B 243 -8.09 -13.53 -48.68
N THR B 244 -8.21 -13.95 -47.42
CA THR B 244 -9.35 -13.60 -46.59
C THR B 244 -9.11 -12.26 -45.91
N GLU B 245 -10.09 -11.81 -45.15
CA GLU B 245 -10.10 -10.47 -44.57
C GLU B 245 -9.89 -10.53 -43.07
N VAL B 246 -9.03 -9.64 -42.56
CA VAL B 246 -8.81 -9.45 -41.14
C VAL B 246 -8.87 -7.96 -40.83
N ILE B 247 -9.58 -7.59 -39.79
CA ILE B 247 -9.85 -6.20 -39.45
C ILE B 247 -9.49 -5.97 -37.99
N GLN B 248 -8.81 -4.86 -37.71
CA GLN B 248 -8.50 -4.43 -36.36
C GLN B 248 -9.13 -3.07 -36.10
N LEU B 249 -9.95 -2.96 -35.06
CA LEU B 249 -10.58 -1.70 -34.70
C LEU B 249 -10.50 -1.49 -33.20
N PHE B 250 -10.16 -0.27 -32.80
CA PHE B 250 -9.90 0.06 -31.40
C PHE B 250 -10.08 1.55 -31.21
N PRO B 251 -10.29 2.00 -29.97
CA PRO B 251 -10.56 3.42 -29.71
C PRO B 251 -9.33 4.31 -29.57
N GLU B 252 -8.13 3.85 -29.93
CA GLU B 252 -6.94 4.67 -29.86
C GLU B 252 -6.63 5.31 -31.20
N LYS B 253 -5.62 6.16 -31.21
CA LYS B 253 -5.17 6.75 -32.48
C LYS B 253 -4.38 5.77 -33.31
N GLY B 254 -3.68 4.82 -32.68
CA GLY B 254 -2.85 3.90 -33.42
C GLY B 254 -2.59 2.63 -32.65
N ASN B 255 -1.69 1.82 -33.20
CA ASN B 255 -1.34 0.54 -32.58
C ASN B 255 -0.47 0.75 -31.35
N MET B 256 -0.85 0.11 -30.26
CA MET B 256 -0.13 0.20 -28.98
C MET B 256 0.05 1.64 -28.54
N GLY B 257 -1.08 2.33 -28.41
CA GLY B 257 -1.07 3.74 -28.04
C GLY B 257 -0.82 4.03 -26.58
N LYS B 258 -0.82 3.02 -25.72
CA LYS B 258 -0.55 3.20 -24.30
C LYS B 258 0.92 2.99 -23.94
N ILE B 259 1.77 2.70 -24.92
CA ILE B 259 3.16 2.34 -24.69
C ILE B 259 4.11 3.27 -25.42
N LEU B 260 3.80 3.58 -26.67
CA LEU B 260 4.66 4.38 -27.53
C LEU B 260 4.09 5.77 -27.75
N PRO B 261 4.93 6.74 -28.10
CA PRO B 261 4.42 8.07 -28.46
C PRO B 261 3.54 8.03 -29.70
N GLU B 262 2.96 9.18 -30.03
CA GLU B 262 1.96 9.25 -31.09
C GLU B 262 2.57 8.96 -32.46
N TYR B 263 3.71 9.58 -32.77
CA TYR B 263 4.29 9.38 -34.09
C TYR B 263 4.75 7.93 -34.29
N LEU B 264 5.34 7.33 -33.25
CA LEU B 264 5.72 5.93 -33.33
C LEU B 264 4.50 5.03 -33.43
N SER B 265 3.41 5.38 -32.75
CA SER B 265 2.18 4.60 -32.86
C SER B 265 1.64 4.64 -34.29
N ASN B 266 1.66 5.81 -34.93
CA ASN B 266 1.21 5.90 -36.31
C ASN B 266 2.11 5.12 -37.25
N TRP B 267 3.43 5.18 -37.02
CA TRP B 267 4.35 4.38 -37.83
C TRP B 267 4.08 2.90 -37.69
N THR B 268 3.84 2.43 -36.46
CA THR B 268 3.53 1.03 -36.23
C THR B 268 2.21 0.65 -36.88
N MET B 269 1.24 1.55 -36.84
CA MET B 269 -0.04 1.30 -37.51
C MET B 269 0.15 1.11 -39.00
N GLU B 270 0.96 1.96 -39.62
CA GLU B 270 1.22 1.81 -41.06
C GLU B 270 1.94 0.51 -41.36
N LYS B 271 2.93 0.14 -40.54
CA LYS B 271 3.63 -1.12 -40.74
C LYS B 271 2.69 -2.31 -40.61
N VAL B 272 1.76 -2.26 -39.66
CA VAL B 272 0.80 -3.34 -39.49
C VAL B 272 -0.13 -3.41 -40.71
N ARG B 273 -0.54 -2.25 -41.21
CA ARG B 273 -1.33 -2.22 -42.44
C ARG B 273 -0.57 -2.83 -43.61
N ARG B 274 0.75 -2.67 -43.64
CA ARG B 274 1.55 -3.25 -44.72
C ARG B 274 1.54 -4.78 -44.68
N GLU B 275 1.11 -5.38 -43.57
CA GLU B 275 1.08 -6.83 -43.44
C GLU B 275 -0.21 -7.46 -43.94
N GLY B 276 -1.17 -6.66 -44.39
CA GLY B 276 -2.42 -7.18 -44.91
C GLY B 276 -3.56 -7.11 -43.91
N VAL B 277 -3.62 -6.03 -43.14
CA VAL B 277 -4.63 -5.83 -42.11
C VAL B 277 -5.27 -4.47 -42.34
N LYS B 278 -6.60 -4.43 -42.28
CA LYS B 278 -7.33 -3.17 -42.35
C LYS B 278 -7.50 -2.63 -40.93
N VAL B 279 -6.72 -1.61 -40.58
CA VAL B 279 -6.71 -1.04 -39.24
C VAL B 279 -7.66 0.14 -39.19
N MET B 280 -8.54 0.16 -38.19
CA MET B 280 -9.55 1.20 -38.01
C MET B 280 -9.36 1.82 -36.64
N PRO B 281 -8.48 2.81 -36.50
CA PRO B 281 -8.30 3.47 -35.21
C PRO B 281 -9.45 4.40 -34.89
N ASN B 282 -9.45 4.89 -33.65
CA ASN B 282 -10.45 5.84 -33.16
C ASN B 282 -11.87 5.29 -33.31
N ALA B 283 -12.02 3.99 -33.05
CA ALA B 283 -13.31 3.31 -33.21
C ALA B 283 -13.81 2.86 -31.85
N ILE B 284 -15.03 3.26 -31.50
CA ILE B 284 -15.64 2.91 -30.22
C ILE B 284 -16.87 2.07 -30.51
N VAL B 285 -16.92 0.88 -29.92
CA VAL B 285 -17.99 -0.06 -30.17
C VAL B 285 -19.22 0.37 -29.38
N GLN B 286 -20.36 0.50 -30.07
CA GLN B 286 -21.62 0.83 -29.44
C GLN B 286 -22.52 -0.39 -29.23
N SER B 287 -22.63 -1.25 -30.24
CA SER B 287 -23.45 -2.45 -30.13
C SER B 287 -22.94 -3.50 -31.11
N VAL B 288 -23.16 -4.76 -30.78
CA VAL B 288 -22.83 -5.88 -31.63
C VAL B 288 -24.08 -6.74 -31.79
N GLY B 289 -24.46 -7.02 -33.03
CA GLY B 289 -25.70 -7.73 -33.29
C GLY B 289 -25.58 -8.82 -34.33
N VAL B 290 -26.71 -9.37 -34.77
CA VAL B 290 -26.75 -10.46 -35.73
C VAL B 290 -27.60 -10.03 -36.91
N SER B 291 -27.12 -10.33 -38.12
CA SER B 291 -27.85 -10.00 -39.34
C SER B 291 -27.54 -11.03 -40.41
N SER B 292 -28.53 -11.84 -40.77
CA SER B 292 -28.42 -12.81 -41.86
C SER B 292 -27.24 -13.76 -41.64
N GLY B 293 -27.06 -14.23 -40.41
CA GLY B 293 -26.02 -15.17 -40.09
C GLY B 293 -24.64 -14.58 -39.93
N LYS B 294 -24.50 -13.26 -40.02
CA LYS B 294 -23.23 -12.58 -39.79
C LYS B 294 -23.40 -11.55 -38.68
N LEU B 295 -22.43 -11.53 -37.77
CA LEU B 295 -22.45 -10.54 -36.71
C LEU B 295 -22.15 -9.15 -37.26
N LEU B 296 -22.84 -8.15 -36.72
CA LEU B 296 -22.75 -6.78 -37.20
C LEU B 296 -22.27 -5.87 -36.08
N ILE B 297 -21.24 -5.08 -36.36
CA ILE B 297 -20.70 -4.12 -35.40
C ILE B 297 -21.20 -2.74 -35.79
N LYS B 298 -21.97 -2.12 -34.90
CA LYS B 298 -22.39 -0.73 -35.06
C LYS B 298 -21.58 0.11 -34.08
N LEU B 299 -20.69 0.94 -34.62
CA LEU B 299 -19.86 1.78 -33.79
C LEU B 299 -20.66 2.96 -33.26
N LYS B 300 -20.08 3.64 -32.26
CA LYS B 300 -20.67 4.89 -31.79
C LYS B 300 -20.68 5.94 -32.90
N ASP B 301 -19.73 5.85 -33.82
CA ASP B 301 -19.69 6.71 -35.00
C ASP B 301 -20.68 6.19 -36.05
N GLY B 302 -20.58 6.69 -37.27
CA GLY B 302 -21.43 6.21 -38.34
C GLY B 302 -20.93 4.96 -39.04
N ARG B 303 -19.69 4.55 -38.80
CA ARG B 303 -19.14 3.37 -39.47
C ARG B 303 -19.79 2.10 -38.96
N LYS B 304 -19.84 1.09 -39.83
CA LYS B 304 -20.36 -0.21 -39.46
C LYS B 304 -19.48 -1.30 -40.06
N VAL B 305 -19.40 -2.44 -39.37
CA VAL B 305 -18.56 -3.56 -39.77
C VAL B 305 -19.41 -4.82 -39.71
N GLU B 306 -19.32 -5.64 -40.77
CA GLU B 306 -19.97 -6.94 -40.80
C GLU B 306 -18.92 -8.01 -41.05
N THR B 307 -18.89 -9.01 -40.19
CA THR B 307 -17.89 -10.08 -40.24
C THR B 307 -18.51 -11.37 -39.73
N ASP B 308 -17.66 -12.38 -39.50
CA ASP B 308 -18.10 -13.70 -39.07
C ASP B 308 -17.59 -14.11 -37.69
N HIS B 309 -16.49 -13.53 -37.22
CA HIS B 309 -15.92 -13.92 -35.94
C HIS B 309 -15.26 -12.70 -35.30
N ILE B 310 -15.29 -12.64 -33.97
CA ILE B 310 -14.69 -11.55 -33.20
C ILE B 310 -13.63 -12.14 -32.29
N VAL B 311 -12.46 -11.51 -32.28
CA VAL B 311 -11.43 -11.76 -31.28
C VAL B 311 -11.32 -10.49 -30.45
N ALA B 312 -11.52 -10.62 -29.14
CA ALA B 312 -11.46 -9.49 -28.23
C ALA B 312 -10.16 -9.56 -27.43
N ALA B 313 -9.34 -8.51 -27.54
CA ALA B 313 -8.13 -8.35 -26.75
C ALA B 313 -8.19 -6.96 -26.13
N VAL B 314 -8.91 -6.85 -25.00
CA VAL B 314 -9.24 -5.55 -24.43
C VAL B 314 -8.74 -5.45 -23.00
N GLY B 315 -7.66 -6.17 -22.68
CA GLY B 315 -7.02 -6.06 -21.40
C GLY B 315 -7.10 -7.34 -20.59
N LEU B 316 -6.41 -7.33 -19.46
CA LEU B 316 -6.33 -8.46 -18.55
C LEU B 316 -6.52 -7.97 -17.12
N GLU B 317 -7.27 -8.73 -16.34
CA GLU B 317 -7.45 -8.37 -14.94
C GLU B 317 -6.94 -9.48 -14.03
N PRO B 318 -6.23 -9.13 -12.96
CA PRO B 318 -5.62 -10.17 -12.11
C PRO B 318 -6.65 -10.98 -11.35
N ASN B 319 -6.29 -12.21 -11.04
CA ASN B 319 -7.16 -13.11 -10.28
C ASN B 319 -6.95 -12.85 -8.80
N VAL B 320 -7.89 -12.13 -8.19
CA VAL B 320 -7.81 -11.75 -6.79
C VAL B 320 -9.04 -12.23 -6.02
N GLU B 321 -9.69 -13.28 -6.52
CA GLU B 321 -10.82 -13.86 -5.80
C GLU B 321 -10.41 -14.52 -4.49
N LEU B 322 -9.12 -14.84 -4.35
CA LEU B 322 -8.64 -15.57 -3.18
C LEU B 322 -8.36 -14.63 -2.02
N ALA B 323 -8.15 -13.34 -2.30
CA ALA B 323 -7.92 -12.36 -1.25
C ALA B 323 -9.13 -12.18 -0.35
N LYS B 324 -10.33 -12.35 -0.87
CA LYS B 324 -11.52 -12.16 -0.05
C LYS B 324 -11.55 -13.13 1.12
N THR B 325 -11.24 -14.40 0.87
CA THR B 325 -11.20 -15.39 1.95
C THR B 325 -9.88 -15.38 2.68
N GLY B 326 -8.82 -14.85 2.07
CA GLY B 326 -7.53 -14.87 2.73
C GLY B 326 -7.27 -13.68 3.61
N GLY B 327 -8.14 -12.68 3.55
CA GLY B 327 -7.90 -11.44 4.27
C GLY B 327 -6.67 -10.71 3.77
N LEU B 328 -6.40 -10.81 2.48
CA LEU B 328 -5.25 -10.17 1.86
C LEU B 328 -5.67 -8.84 1.26
N GLU B 329 -4.78 -7.86 1.30
CA GLU B 329 -5.09 -6.53 0.80
C GLU B 329 -4.97 -6.48 -0.71
N ILE B 330 -5.96 -5.88 -1.35
CA ILE B 330 -5.98 -5.68 -2.79
C ILE B 330 -5.63 -4.22 -3.08
N ASP B 331 -4.66 -4.01 -3.97
CA ASP B 331 -4.29 -2.66 -4.34
C ASP B 331 -5.41 -2.02 -5.16
N SER B 332 -5.58 -0.71 -4.98
CA SER B 332 -6.65 0.03 -5.65
C SER B 332 -6.18 0.79 -6.88
N ASP B 333 -4.96 1.33 -6.86
CA ASP B 333 -4.45 2.04 -8.02
C ASP B 333 -4.15 1.09 -9.18
N PHE B 334 -3.53 -0.06 -8.89
CA PHE B 334 -3.07 -0.98 -9.91
C PHE B 334 -3.85 -2.28 -9.98
N GLY B 335 -4.51 -2.68 -8.90
CA GLY B 335 -5.14 -3.97 -8.84
C GLY B 335 -4.17 -5.06 -8.42
N GLY B 336 -4.73 -6.23 -8.13
CA GLY B 336 -3.91 -7.34 -7.67
C GLY B 336 -3.60 -7.25 -6.20
N PHE B 337 -2.89 -8.27 -5.72
CA PHE B 337 -2.46 -8.30 -4.33
C PHE B 337 -1.35 -7.29 -4.08
N ARG B 338 -1.36 -6.69 -2.90
CA ARG B 338 -0.36 -5.71 -2.49
C ARG B 338 0.70 -6.38 -1.63
N VAL B 339 1.96 -6.31 -2.06
CA VAL B 339 3.08 -6.96 -1.40
C VAL B 339 4.23 -5.96 -1.29
N ASN B 340 5.22 -6.30 -0.47
CA ASN B 340 6.35 -5.41 -0.24
C ASN B 340 7.47 -5.70 -1.24
N ALA B 341 8.66 -5.13 -0.98
CA ALA B 341 9.78 -5.24 -1.91
C ALA B 341 10.32 -6.65 -2.02
N GLU B 342 10.06 -7.51 -1.03
CA GLU B 342 10.43 -8.91 -1.08
C GLU B 342 9.27 -9.79 -1.52
N LEU B 343 8.24 -9.20 -2.12
CA LEU B 343 7.08 -9.91 -2.65
C LEU B 343 6.33 -10.67 -1.56
N GLN B 344 6.29 -10.12 -0.35
CA GLN B 344 5.71 -10.80 0.80
C GLN B 344 4.37 -10.17 1.16
N ALA B 345 3.36 -11.00 1.36
CA ALA B 345 2.03 -10.55 1.76
C ALA B 345 1.76 -10.75 3.25
N ARG B 346 2.11 -11.91 3.78
CA ARG B 346 1.97 -12.21 5.20
C ARG B 346 3.22 -12.96 5.64
N SER B 347 3.18 -13.58 6.81
CA SER B 347 4.39 -14.14 7.38
C SER B 347 4.97 -15.25 6.51
N ASN B 348 4.13 -16.12 5.96
CA ASN B 348 4.60 -17.26 5.19
C ASN B 348 4.00 -17.26 3.78
N ILE B 349 3.64 -16.10 3.26
CA ILE B 349 2.97 -15.99 1.97
C ILE B 349 3.72 -15.01 1.09
N TRP B 350 4.05 -15.43 -0.12
CA TRP B 350 4.69 -14.60 -1.13
C TRP B 350 3.80 -14.56 -2.36
N VAL B 351 3.87 -13.47 -3.12
CA VAL B 351 3.11 -13.32 -4.35
C VAL B 351 4.06 -12.92 -5.46
N ALA B 352 3.98 -13.60 -6.60
CA ALA B 352 4.83 -13.33 -7.74
C ALA B 352 3.98 -13.35 -9.02
N GLY B 353 4.53 -12.76 -10.08
CA GLY B 353 3.88 -12.81 -11.37
C GLY B 353 3.01 -11.62 -11.72
N ASP B 354 1.96 -11.87 -12.49
CA ASP B 354 1.09 -10.79 -12.97
C ASP B 354 0.22 -10.20 -11.86
N ALA B 355 -0.15 -10.99 -10.86
CA ALA B 355 -1.07 -10.55 -9.84
C ALA B 355 -0.39 -9.79 -8.70
N ALA B 356 0.93 -9.64 -8.73
CA ALA B 356 1.67 -9.04 -7.63
C ALA B 356 1.83 -7.54 -7.89
N CYS B 357 1.30 -6.72 -6.99
CA CYS B 357 1.51 -5.27 -7.02
C CYS B 357 2.61 -4.95 -6.01
N PHE B 358 3.86 -5.16 -6.44
CA PHE B 358 5.01 -5.07 -5.56
C PHE B 358 5.54 -3.64 -5.50
N TYR B 359 6.54 -3.42 -4.66
CA TYR B 359 7.13 -2.11 -4.45
C TYR B 359 8.58 -2.16 -4.91
N ASP B 360 8.84 -1.62 -6.09
CA ASP B 360 10.21 -1.44 -6.54
C ASP B 360 10.83 -0.26 -5.80
N ILE B 361 12.00 -0.48 -5.20
CA ILE B 361 12.61 0.59 -4.41
C ILE B 361 13.04 1.74 -5.31
N LYS B 362 13.58 1.43 -6.49
CA LYS B 362 14.03 2.48 -7.40
C LYS B 362 12.87 3.18 -8.10
N LEU B 363 11.81 2.45 -8.45
CA LEU B 363 10.77 2.98 -9.31
C LEU B 363 9.41 3.07 -8.65
N GLY B 364 9.24 2.56 -7.44
CA GLY B 364 7.98 2.68 -6.73
C GLY B 364 7.04 1.51 -6.94
N ARG B 365 5.80 1.72 -6.53
CA ARG B 365 4.75 0.71 -6.61
C ARG B 365 4.44 0.39 -8.08
N ARG B 366 4.40 -0.90 -8.40
CA ARG B 366 4.28 -1.36 -9.79
C ARG B 366 3.46 -2.63 -9.85
N ARG B 367 2.98 -2.95 -11.06
CA ARG B 367 2.45 -4.27 -11.35
C ARG B 367 2.75 -4.58 -12.82
N VAL B 368 3.65 -5.51 -13.06
CA VAL B 368 4.14 -5.85 -14.40
C VAL B 368 3.49 -7.15 -14.85
N GLU B 369 3.16 -7.22 -16.14
CA GLU B 369 2.55 -8.41 -16.74
C GLU B 369 3.35 -8.81 -17.96
N HIS B 370 4.43 -9.57 -17.76
CA HIS B 370 5.31 -9.96 -18.84
C HIS B 370 5.95 -11.28 -18.48
N HIS B 371 6.51 -11.96 -19.50
CA HIS B 371 7.09 -13.28 -19.30
C HIS B 371 8.36 -13.20 -18.46
N ASP B 372 9.26 -12.27 -18.81
CA ASP B 372 10.52 -12.16 -18.09
C ASP B 372 10.29 -11.70 -16.65
N HIS B 373 9.33 -10.82 -16.43
CA HIS B 373 9.04 -10.43 -15.06
C HIS B 373 8.50 -11.60 -14.26
N ALA B 374 7.66 -12.44 -14.88
CA ALA B 374 7.18 -13.63 -14.19
C ALA B 374 8.33 -14.56 -13.83
N VAL B 375 9.29 -14.75 -14.74
CA VAL B 375 10.44 -15.61 -14.46
C VAL B 375 11.26 -15.04 -13.31
N VAL B 376 11.62 -13.76 -13.40
CA VAL B 376 12.48 -13.12 -12.41
C VAL B 376 11.79 -13.07 -11.05
N SER B 377 10.51 -12.73 -11.04
CA SER B 377 9.76 -12.62 -9.79
C SER B 377 9.56 -13.98 -9.14
N GLY B 378 9.29 -15.02 -9.92
CA GLY B 378 9.23 -16.36 -9.35
C GLY B 378 10.56 -16.82 -8.80
N ARG B 379 11.64 -16.54 -9.51
CA ARG B 379 12.97 -16.87 -9.03
C ARG B 379 13.27 -16.17 -7.71
N LEU B 380 12.95 -14.87 -7.61
CA LEU B 380 13.18 -14.13 -6.37
C LEU B 380 12.32 -14.66 -5.23
N ALA B 381 11.04 -14.95 -5.49
CA ALA B 381 10.19 -15.46 -4.43
C ALA B 381 10.65 -16.83 -3.96
N GLY B 382 11.14 -17.66 -4.88
CA GLY B 382 11.70 -18.94 -4.48
C GLY B 382 12.97 -18.80 -3.65
N GLU B 383 13.79 -17.80 -3.98
CA GLU B 383 14.96 -17.51 -3.16
C GLU B 383 14.56 -17.07 -1.76
N ASN B 384 13.55 -16.20 -1.67
CA ASN B 384 13.12 -15.65 -0.39
C ASN B 384 12.34 -16.64 0.44
N MET B 385 11.75 -17.67 -0.18
CA MET B 385 11.03 -18.68 0.57
C MET B 385 11.97 -19.64 1.30
N THR B 386 13.20 -19.79 0.82
CA THR B 386 14.18 -20.64 1.49
C THR B 386 14.91 -19.93 2.62
N GLY B 387 14.83 -18.61 2.71
CA GLY B 387 15.40 -17.91 3.84
C GLY B 387 16.18 -16.65 3.52
N ALA B 388 16.33 -16.33 2.24
CA ALA B 388 16.97 -15.08 1.89
C ALA B 388 16.03 -13.91 2.15
N ALA B 389 16.59 -12.71 2.17
CA ALA B 389 15.81 -11.50 2.40
C ALA B 389 16.14 -10.46 1.33
N LYS B 390 16.21 -10.91 0.09
CA LYS B 390 16.60 -10.03 -1.01
C LYS B 390 15.39 -9.27 -1.52
N PRO B 391 15.50 -7.96 -1.72
CA PRO B 391 14.44 -7.21 -2.40
C PRO B 391 14.53 -7.38 -3.92
N TYR B 392 13.48 -6.92 -4.60
CA TYR B 392 13.45 -6.91 -6.05
C TYR B 392 14.46 -5.89 -6.56
N TRP B 393 15.58 -6.37 -7.11
CA TRP B 393 16.68 -5.52 -7.55
C TRP B 393 16.94 -5.61 -9.04
N HIS B 394 17.08 -6.83 -9.57
CA HIS B 394 17.30 -7.04 -10.99
C HIS B 394 16.05 -6.68 -11.78
N GLN B 395 16.18 -5.72 -12.70
CA GLN B 395 15.03 -5.31 -13.49
C GLN B 395 14.67 -6.37 -14.52
N SER B 396 13.40 -6.37 -14.92
CA SER B 396 12.89 -7.30 -15.91
C SER B 396 12.49 -6.53 -17.16
N MET B 397 12.73 -7.14 -18.31
CA MET B 397 12.50 -6.54 -19.61
C MET B 397 11.30 -7.20 -20.28
N PHE B 398 10.98 -6.70 -21.48
CA PHE B 398 10.07 -7.42 -22.36
C PHE B 398 10.44 -7.11 -23.79
N TRP B 399 9.93 -7.94 -24.70
CA TRP B 399 10.24 -7.87 -26.11
C TRP B 399 8.95 -7.92 -26.92
N SER B 400 9.07 -7.58 -28.20
CA SER B 400 7.93 -7.66 -29.10
C SER B 400 8.42 -7.72 -30.54
N ASP B 401 7.57 -8.27 -31.41
CA ASP B 401 7.85 -8.31 -32.85
C ASP B 401 6.51 -8.20 -33.56
N LEU B 402 6.23 -7.02 -34.12
CA LEU B 402 5.00 -6.80 -34.88
C LEU B 402 5.30 -6.87 -36.38
N GLY B 403 5.65 -8.08 -36.82
CA GLY B 403 6.06 -8.31 -38.18
C GLY B 403 7.56 -8.15 -38.37
N PRO B 404 8.04 -8.43 -39.58
CA PRO B 404 9.49 -8.38 -39.83
C PRO B 404 10.11 -7.01 -39.61
N ASP B 405 9.37 -5.93 -39.87
CA ASP B 405 9.95 -4.60 -39.80
C ASP B 405 10.05 -4.09 -38.36
N VAL B 406 9.01 -4.33 -37.56
CA VAL B 406 8.95 -3.82 -36.20
C VAL B 406 9.44 -4.89 -35.23
N GLY B 407 10.42 -4.55 -34.40
CA GLY B 407 10.91 -5.43 -33.37
C GLY B 407 11.72 -4.68 -32.33
N TYR B 408 11.41 -4.86 -31.05
CA TYR B 408 12.01 -4.03 -30.02
C TYR B 408 12.04 -4.76 -28.68
N GLU B 409 12.82 -4.21 -27.76
CA GLU B 409 12.83 -4.63 -26.37
C GLU B 409 12.75 -3.39 -25.49
N ALA B 410 12.15 -3.54 -24.31
CA ALA B 410 11.92 -2.41 -23.42
C ALA B 410 12.17 -2.81 -21.98
N ILE B 411 12.51 -1.81 -21.16
CA ILE B 411 12.91 -2.02 -19.77
C ILE B 411 12.44 -0.84 -18.95
N GLY B 412 12.16 -1.10 -17.67
CA GLY B 412 11.86 -0.02 -16.74
C GLY B 412 10.40 0.40 -16.78
N LEU B 413 10.17 1.69 -16.62
CA LEU B 413 8.83 2.28 -16.70
C LEU B 413 8.64 2.84 -18.10
N VAL B 414 7.85 2.15 -18.92
CA VAL B 414 7.54 2.59 -20.27
C VAL B 414 6.04 2.88 -20.32
N ASP B 415 5.70 4.14 -20.56
CA ASP B 415 4.31 4.56 -20.56
C ASP B 415 4.15 5.78 -21.46
N SER B 416 2.96 5.89 -22.07
CA SER B 416 2.71 7.01 -22.98
C SER B 416 2.57 8.32 -22.22
N SER B 417 2.00 8.30 -21.02
CA SER B 417 1.79 9.54 -20.28
C SER B 417 3.10 10.15 -19.81
N LEU B 418 4.09 9.33 -19.49
CA LEU B 418 5.35 9.85 -18.99
C LEU B 418 6.11 10.59 -20.09
N PRO B 419 6.91 11.60 -19.73
CA PRO B 419 7.71 12.30 -20.74
C PRO B 419 8.65 11.35 -21.46
N THR B 420 8.79 11.56 -22.77
CA THR B 420 9.63 10.73 -23.61
C THR B 420 10.61 11.61 -24.39
N VAL B 421 11.75 11.02 -24.75
CA VAL B 421 12.73 11.66 -25.62
C VAL B 421 13.13 10.63 -26.67
N GLY B 422 12.70 10.84 -27.91
CA GLY B 422 12.99 9.88 -28.95
C GLY B 422 14.18 10.27 -29.81
N VAL B 423 15.30 9.61 -29.60
CA VAL B 423 16.48 9.78 -30.44
C VAL B 423 16.49 8.63 -31.44
N PHE B 424 16.31 8.94 -32.71
CA PHE B 424 16.20 7.93 -33.77
C PHE B 424 17.35 8.07 -34.75
N ALA B 425 17.30 7.25 -35.79
CA ALA B 425 18.19 7.35 -36.93
C ALA B 425 17.41 7.91 -38.11
N LYS B 426 17.94 8.97 -38.72
CA LYS B 426 17.32 9.73 -39.81
C LYS B 426 16.13 10.55 -39.35
N ALA B 427 15.88 10.63 -38.04
CA ALA B 427 14.77 11.40 -37.50
C ALA B 427 15.01 11.64 -36.02
N THR B 428 14.25 12.58 -35.46
CA THR B 428 14.29 12.85 -34.03
C THR B 428 13.00 13.55 -33.62
N ALA B 429 12.57 13.28 -32.39
CA ALA B 429 11.34 13.87 -31.89
C ALA B 429 11.29 13.70 -30.37
N GLN B 430 10.81 14.75 -29.69
CA GLN B 430 10.64 14.73 -28.24
C GLN B 430 9.20 15.09 -27.90
N ASP B 431 8.60 14.32 -27.00
CA ASP B 431 7.24 14.57 -26.55
C ASP B 431 7.17 14.65 -25.03
N ASN B 432 5.97 14.68 -24.48
CA ASN B 432 5.81 14.79 -23.04
C ASN B 432 4.44 14.25 -22.57
N GLU B 474 10.68 11.17 -39.90
CA GLU B 474 9.61 10.36 -40.49
C GLU B 474 10.02 8.91 -40.61
N ASP B 475 11.28 8.66 -40.96
CA ASP B 475 11.80 7.30 -41.08
C ASP B 475 12.23 6.83 -39.69
N TYR B 476 11.25 6.46 -38.89
CA TYR B 476 11.49 5.96 -37.54
C TYR B 476 11.79 4.46 -37.56
N GLY B 477 12.75 4.05 -38.39
CA GLY B 477 13.09 2.65 -38.49
C GLY B 477 13.97 2.15 -37.37
N LYS B 478 14.83 3.02 -36.83
CA LYS B 478 15.78 2.64 -35.80
C LYS B 478 15.96 3.79 -34.83
N GLY B 479 16.11 3.47 -33.55
CA GLY B 479 16.32 4.50 -32.55
C GLY B 479 16.10 3.99 -31.15
N VAL B 480 16.17 4.92 -30.20
CA VAL B 480 15.95 4.65 -28.78
C VAL B 480 14.99 5.70 -28.25
N ILE B 481 14.10 5.29 -27.36
CA ILE B 481 13.11 6.18 -26.75
C ILE B 481 13.29 6.12 -25.24
N PHE B 482 13.87 7.17 -24.68
CA PHE B 482 14.03 7.30 -23.24
C PHE B 482 12.74 7.81 -22.62
N TYR B 483 12.48 7.36 -21.40
CA TYR B 483 11.34 7.81 -20.61
C TYR B 483 11.87 8.42 -19.32
N LEU B 484 11.44 9.64 -19.01
CA LEU B 484 12.00 10.41 -17.91
C LEU B 484 10.92 10.77 -16.91
N ARG B 485 11.23 10.61 -15.63
CA ARG B 485 10.29 10.95 -14.57
C ARG B 485 10.51 12.37 -14.06
N ASP B 486 11.72 12.65 -13.54
CA ASP B 486 12.16 14.02 -13.25
C ASP B 486 13.60 14.12 -13.75
N LYS B 487 13.74 14.42 -15.05
CA LYS B 487 15.05 14.48 -15.71
C LYS B 487 15.91 13.26 -15.42
N VAL B 488 15.27 12.13 -15.13
CA VAL B 488 15.96 10.88 -14.82
C VAL B 488 15.30 9.75 -15.60
N VAL B 489 16.12 8.87 -16.17
CA VAL B 489 15.58 7.80 -17.02
C VAL B 489 14.94 6.74 -16.16
N VAL B 490 13.68 6.41 -16.47
CA VAL B 490 12.95 5.37 -15.77
C VAL B 490 12.53 4.22 -16.68
N GLY B 491 12.61 4.39 -18.00
CA GLY B 491 12.30 3.31 -18.92
C GLY B 491 12.89 3.59 -20.28
N ILE B 492 13.32 2.52 -20.95
CA ILE B 492 13.97 2.63 -22.25
C ILE B 492 13.32 1.64 -23.21
N VAL B 493 12.89 2.13 -24.36
CA VAL B 493 12.48 1.29 -25.48
C VAL B 493 13.59 1.33 -26.52
N LEU B 494 14.14 0.17 -26.86
CA LEU B 494 15.19 0.05 -27.87
C LEU B 494 14.56 -0.39 -29.17
N TRP B 495 14.46 0.52 -30.12
CA TRP B 495 13.69 0.31 -31.33
C TRP B 495 14.59 -0.24 -32.44
N ASN B 496 14.40 -1.52 -32.77
CA ASN B 496 15.11 -2.19 -33.86
C ASN B 496 16.63 -2.15 -33.69
N ILE B 497 17.08 -2.28 -32.44
CA ILE B 497 18.50 -2.44 -32.15
C ILE B 497 18.67 -3.64 -31.23
N PHE B 498 19.74 -4.40 -31.44
CA PHE B 498 19.91 -5.68 -30.77
C PHE B 498 21.28 -5.74 -30.10
N ASN B 499 21.37 -6.59 -29.07
CA ASN B 499 22.59 -6.78 -28.28
C ASN B 499 23.01 -5.50 -27.57
N ARG B 500 22.07 -4.61 -27.28
CA ARG B 500 22.33 -3.39 -26.54
C ARG B 500 21.37 -3.26 -25.36
N MET B 501 21.07 -4.38 -24.72
CA MET B 501 20.26 -4.41 -23.51
C MET B 501 21.09 -4.06 -22.26
N PRO B 502 22.32 -4.59 -22.12
CA PRO B 502 23.10 -4.24 -20.91
C PRO B 502 23.36 -2.75 -20.76
N ILE B 503 23.53 -2.02 -21.85
CA ILE B 503 23.74 -0.57 -21.75
C ILE B 503 22.53 0.09 -21.12
N ALA B 504 21.33 -0.28 -21.58
CA ALA B 504 20.10 0.27 -21.03
C ALA B 504 19.92 -0.13 -19.57
N ARG B 505 20.25 -1.37 -19.24
CA ARG B 505 20.11 -1.82 -17.85
C ARG B 505 21.05 -1.06 -16.93
N LYS B 506 22.28 -0.80 -17.37
CA LYS B 506 23.21 -0.01 -16.56
C LYS B 506 22.74 1.43 -16.42
N ILE B 507 22.20 2.01 -17.50
CA ILE B 507 21.65 3.36 -17.42
C ILE B 507 20.53 3.41 -16.38
N ILE B 508 19.65 2.42 -16.39
CA ILE B 508 18.58 2.37 -15.40
C ILE B 508 19.14 2.21 -14.00
N LYS B 509 20.15 1.35 -13.84
CA LYS B 509 20.73 1.09 -12.52
C LYS B 509 21.34 2.34 -11.92
N ASP B 510 22.11 3.10 -12.71
CA ASP B 510 22.76 4.29 -12.18
C ASP B 510 21.73 5.33 -11.74
N GLY B 511 20.72 5.57 -12.57
CA GLY B 511 19.64 6.46 -12.18
C GLY B 511 20.06 7.90 -11.94
N GLU B 512 20.91 8.44 -12.79
CA GLU B 512 21.44 9.79 -12.61
C GLU B 512 20.52 10.83 -13.23
N GLN B 513 20.75 12.08 -12.84
CA GLN B 513 20.05 13.20 -13.45
C GLN B 513 20.56 13.41 -14.87
N HIS B 514 19.65 13.38 -15.84
CA HIS B 514 20.01 13.51 -17.26
C HIS B 514 19.25 14.68 -17.86
N GLU B 515 19.88 15.86 -17.85
CA GLU B 515 19.34 17.00 -18.58
C GLU B 515 19.58 16.86 -20.08
N ASP B 516 20.62 16.14 -20.48
CA ASP B 516 20.96 15.92 -21.88
C ASP B 516 20.97 14.42 -22.16
N LEU B 517 20.44 14.03 -23.31
CA LEU B 517 20.34 12.62 -23.65
C LEU B 517 21.05 12.23 -24.94
N ASN B 518 21.43 13.19 -25.79
CA ASN B 518 22.24 12.86 -26.95
C ASN B 518 23.66 12.47 -26.56
N GLU B 519 24.13 12.91 -25.38
CA GLU B 519 25.43 12.47 -24.89
C GLU B 519 25.43 10.98 -24.57
N VAL B 520 24.33 10.47 -24.01
CA VAL B 520 24.24 9.07 -23.65
C VAL B 520 23.66 8.22 -24.78
N ALA B 521 22.82 8.81 -25.64
CA ALA B 521 22.21 8.05 -26.73
C ALA B 521 23.26 7.51 -27.70
N LYS B 522 24.48 8.06 -27.69
CA LYS B 522 25.53 7.52 -28.55
C LYS B 522 26.11 6.21 -28.02
N LEU B 523 25.83 5.85 -26.77
CA LEU B 523 26.31 4.57 -26.25
C LEU B 523 25.68 3.39 -27.00
N PHE B 524 24.38 3.49 -27.30
CA PHE B 524 23.72 2.43 -28.04
C PHE B 524 24.20 2.34 -29.49
N ASN B 525 24.86 3.39 -29.99
CA ASN B 525 25.36 3.43 -31.36
C ASN B 525 24.25 3.16 -32.38
N ILE B 526 23.24 4.03 -32.37
CA ILE B 526 22.12 3.85 -33.27
C ILE B 526 22.56 3.99 -34.72
N HIS B 527 23.54 4.83 -35.00
CA HIS B 527 24.07 4.97 -36.35
C HIS B 527 25.18 3.95 -36.61
PA FAD C . 6.01 9.18 20.90
O1A FAD C . 6.21 10.54 20.27
O2A FAD C . 5.42 9.03 22.25
O5B FAD C . 7.48 8.51 20.86
C5B FAD C . 8.41 8.83 19.85
C4B FAD C . 9.78 8.94 20.47
O4B FAD C . 10.76 8.62 19.48
C3B FAD C . 10.13 10.33 21.00
O3B FAD C . 10.84 10.17 22.19
C2B FAD C . 11.04 10.86 19.90
O2B FAD C . 11.87 11.86 20.39
C1B FAD C . 11.77 9.58 19.50
N9A FAD C . 12.40 9.63 18.20
C8A FAD C . 11.90 10.19 17.06
N7A FAD C . 12.69 10.10 16.05
C5A FAD C . 13.80 9.43 16.53
C6A FAD C . 15.00 9.02 15.94
N6A FAD C . 15.27 9.23 14.65
N1A FAD C . 15.88 8.38 16.70
C2A FAD C . 15.61 8.17 17.98
N3A FAD C . 14.51 8.50 18.64
C4A FAD C . 13.63 9.14 17.87
N1 FAD C . -3.94 10.21 23.51
C2 FAD C . -5.05 9.71 24.10
O2 FAD C . -5.59 8.69 23.73
N3 FAD C . -5.62 10.40 25.16
C4 FAD C . -5.17 11.56 25.71
O4 FAD C . -5.71 12.10 26.64
C4X FAD C . -3.95 12.07 25.05
N5 FAD C . -3.44 13.16 25.49
C5X FAD C . -2.34 13.64 24.90
C6 FAD C . -1.80 14.84 25.39
C7 FAD C . -0.68 15.40 24.85
C7M FAD C . -0.12 16.67 25.40
C8 FAD C . -0.06 14.74 23.76
C8M FAD C . 1.16 15.33 23.15
C9 FAD C . -0.58 13.56 23.27
C9A FAD C . -1.73 12.99 23.82
N10 FAD C . -2.29 11.81 23.37
C10 FAD C . -3.41 11.32 23.95
C1' FAD C . -1.70 11.08 22.24
C2' FAD C . -0.71 10.01 22.68
O2' FAD C . -0.01 10.48 23.80
C3' FAD C . 0.24 9.67 21.52
O3' FAD C . -0.57 9.26 20.45
C4' FAD C . 1.24 8.56 21.87
O4' FAD C . 2.05 9.10 22.87
C5' FAD C . 2.06 8.12 20.67
O5' FAD C . 3.07 7.24 21.09
P FAD C . 4.34 6.80 20.15
O1P FAD C . 5.17 5.90 20.97
O2P FAD C . 3.88 6.42 18.78
O3P FAD C . 5.14 8.23 19.91
PA NAD D . -5.80 17.23 15.46
O1A NAD D . -5.47 16.49 14.22
O2A NAD D . -6.93 16.85 16.35
O5B NAD D . -6.04 18.81 15.09
C5B NAD D . -6.98 19.17 14.12
C4B NAD D . -7.53 20.54 14.47
O4B NAD D . -6.61 21.53 13.96
C3B NAD D . -8.86 20.82 13.82
O3B NAD D . -9.56 21.73 14.63
C2B NAD D . -8.41 21.50 12.55
O2B NAD D . -9.42 22.25 11.95
C1B NAD D . -7.31 22.37 13.11
N9A NAD D . -6.49 22.90 12.07
C8A NAD D . -5.82 22.20 11.09
N7A NAD D . -5.17 22.96 10.27
C5A NAD D . -5.41 24.23 10.71
C6A NAD D . -4.99 25.49 10.26
N6A NAD D . -4.20 25.66 9.20
N1A NAD D . -5.42 26.58 10.93
C2A NAD D . -6.21 26.41 11.99
N3A NAD D . -6.66 25.28 12.50
C4A NAD D . -6.23 24.22 11.83
O3 NAD D . -4.38 17.33 16.28
PN NAD D . -4.05 18.16 17.64
O1N NAD D . -5.31 18.65 18.28
O2N NAD D . -2.92 19.12 17.43
O5D NAD D . -3.55 16.92 18.54
C5D NAD D . -2.25 16.40 18.41
C4D NAD D . -2.25 14.92 18.63
O4D NAD D . -2.57 14.62 20.00
C3D NAD D . -3.26 14.15 17.77
O3D NAD D . -2.61 13.03 17.25
C2D NAD D . -4.34 13.75 18.78
O2D NAD D . -4.94 12.52 18.51
C1D NAD D . -3.55 13.67 20.08
N1N NAD D . -4.42 13.94 21.24
C2N NAD D . -5.46 13.18 21.54
C3N NAD D . -6.24 13.48 22.64
C7N NAD D . -7.43 12.64 23.02
O7N NAD D . -7.63 11.60 22.43
N7N NAD D . -8.18 13.13 24.00
C4N NAD D . -5.92 14.58 23.42
C5N NAD D . -4.82 15.35 23.08
C6N NAD D . -4.09 15.02 21.96
PA FAD E . -0.20 -17.19 -15.88
O1A FAD E . -1.54 -16.68 -16.32
O2A FAD E . 0.85 -17.56 -16.87
O5B FAD E . -0.55 -18.47 -14.95
C5B FAD E . -1.68 -18.44 -14.11
C4B FAD E . -2.09 -19.87 -13.84
O4B FAD E . -2.66 -19.95 -12.53
C3B FAD E . -3.13 -20.42 -14.80
O3B FAD E . -2.80 -21.75 -15.07
C2B FAD E . -4.41 -20.35 -13.97
O2B FAD E . -5.36 -21.25 -14.43
C1B FAD E . -3.85 -20.67 -12.58
N9A FAD E . -4.71 -20.29 -11.50
C8A FAD E . -5.32 -19.08 -11.33
N7A FAD E . -6.05 -19.01 -10.27
C5A FAD E . -5.93 -20.25 -9.70
C6A FAD E . -6.46 -20.81 -8.53
N6A FAD E . -7.27 -20.16 -7.71
N1A FAD E . -6.13 -22.07 -8.25
C2A FAD E . -5.32 -22.74 -9.06
N3A FAD E . -4.77 -22.31 -10.17
C4A FAD E . -5.10 -21.05 -10.44
N1 FAD E . 4.93 -11.73 -22.34
C2 FAD E . 6.11 -11.32 -22.86
O2 FAD E . 6.97 -10.77 -22.20
N3 FAD E . 6.38 -11.55 -24.21
C4 FAD E . 5.55 -12.15 -25.09
O4 FAD E . 5.85 -12.31 -26.24
C4X FAD E . 4.27 -12.58 -24.51
N5 FAD E . 3.43 -13.15 -25.28
C5X FAD E . 2.25 -13.54 -24.76
C6 FAD E . 1.34 -14.17 -25.61
C7 FAD E . 0.12 -14.60 -25.17
C7M FAD E . -0.85 -15.27 -26.09
C8 FAD E . -0.20 -14.39 -23.81
C8M FAD E . -1.52 -14.85 -23.29
C9 FAD E . 0.68 -13.78 -22.95
C9A FAD E . 1.94 -13.33 -23.40
N10 FAD E . 2.87 -12.72 -22.60
C10 FAD E . 4.06 -12.31 -23.12
C1' FAD E . 2.61 -12.47 -21.18
C2' FAD E . 3.14 -13.58 -20.27
O2' FAD E . 2.91 -14.81 -20.92
C3' FAD E . 2.47 -13.54 -18.90
O3' FAD E . 2.82 -12.32 -18.31
C4' FAD E . 2.93 -14.68 -17.99
O4' FAD E . 2.49 -15.86 -18.62
C5' FAD E . 2.36 -14.53 -16.61
O5' FAD E . 2.79 -15.59 -15.77
P FAD E . 2.06 -15.93 -14.37
O1P FAD E . 2.62 -17.22 -13.88
O2P FAD E . 1.99 -14.73 -13.50
O3P FAD E . 0.49 -16.16 -14.84
PA NAD F . -3.47 -4.61 -23.00
O1A NAD F . -3.52 -4.15 -21.58
O2A NAD F . -2.36 -4.22 -23.91
O5B NAD F . -4.87 -4.28 -23.78
C5B NAD F . -5.48 -3.02 -23.69
C4B NAD F . -5.85 -2.55 -25.10
O4B NAD F . -7.26 -2.67 -25.27
C3B NAD F . -5.52 -1.10 -25.35
O3B NAD F . -5.38 -0.91 -26.73
C2B NAD F . -6.80 -0.45 -24.85
O2B NAD F . -6.93 0.86 -25.28
C1B NAD F . -7.83 -1.40 -25.47
N9A NAD F . -9.11 -1.30 -24.82
C8A NAD F . -9.35 -1.19 -23.48
N7A NAD F . -10.61 -1.12 -23.19
C5A NAD F . -11.25 -1.17 -24.40
C6A NAD F . -12.61 -1.14 -24.76
N6A NAD F . -13.58 -1.03 -23.87
N1A NAD F . -12.90 -1.23 -26.07
C2A NAD F . -11.92 -1.34 -26.95
N3A NAD F . -10.62 -1.38 -26.73
C4A NAD F . -10.34 -1.29 -25.43
O3 NAD F . -3.58 -6.25 -22.90
PN NAD F . -3.89 -7.31 -24.09
O1N NAD F . -3.25 -6.88 -25.37
O2N NAD F . -5.30 -7.76 -24.07
O5D NAD F . -2.94 -8.51 -23.54
C5D NAD F . -3.21 -9.20 -22.34
C4D NAD F . -1.91 -9.44 -21.61
O4D NAD F . -0.99 -10.10 -22.49
C3D NAD F . -1.21 -8.19 -21.10
O3D NAD F . -0.77 -8.44 -19.80
C2D NAD F . -0.02 -8.06 -22.05
O2D NAD F . 1.11 -7.49 -21.46
C1D NAD F . 0.25 -9.52 -22.37
N1N NAD F . 0.98 -9.66 -23.65
C2N NAD F . 2.22 -9.19 -23.80
C3N NAD F . 2.87 -9.34 -25.00
C7N NAD F . 4.26 -8.81 -25.21
O7N NAD F . 4.86 -8.40 -24.24
N7N NAD F . 4.70 -8.85 -26.46
C4N NAD F . 2.23 -9.99 -26.04
C5N NAD F . 0.95 -10.48 -25.85
C6N NAD F . 0.34 -10.30 -24.63
#